data_5B2Y
#
_entry.id   5B2Y
#
_cell.length_a   58.734
_cell.length_b   145.724
_cell.length_c   63.193
_cell.angle_alpha   90.000
_cell.angle_beta   82.850
_cell.angle_gamma   90.000
#
_symmetry.space_group_name_H-M   'P 1 21 1'
#
loop_
_entity.id
_entity.type
_entity.pdbx_description
1 polymer 'Bifunctional cytochrome P450/NADPH--P450 reductase'
2 non-polymer 'PROTOPORPHYRIN IX CONTAINING FE'
3 non-polymer '(2~{S})-3-(1~{H}-indol-3-yl)-2-[2,2,3,3,4,4,5,5,6,6,7,7,8,8,9,9,10,10,10-nonadecakis(fluoranyl)decanoylamino]propanoic acid'
4 water water
#
_entity_poly.entity_id   1
_entity_poly.type   'polypeptide(L)'
_entity_poly.pdbx_seq_one_letter_code
;MTIKEMPQPKTFGELKNLPLLNTDKPVQALMKIADELGEIFKFEAPGRVTRYLSSQRLIKEACDESRFDKNLSQALKFVR
DFAGDGLFTSWTHEKNWKKAHNILLPSFSQQAMKGYHAMMVDIAVQLVQKWERLNADEHIEVPEDMTRLTLDTIGLCGFN
YRFNSFYRDQPHPFITSMVRALDEAMNKLQRANPDDPAYDENKRQFQEDIKVMNDLVDKIIADRKASGEQSDDLLTHMLN
GKDPETGEPLDDENIRYQIITFLIAGHETTSGLLSFALYFLVKNPHVLQKAAEEAARVLVDPVPSYKQVKQLKYVGMVLN
EALRLWPTAPAFSLYAKEDTVLGGEYPLEKGDELMVLIPQLHRDKTIWGDDVEEFRPERFENPSAIPQHAFKPFGNGQRA
CIGQQFALHEATLVLGMMLKHFDFEDHTNYELDIKETLTLKPEGFVVKAKSKKIPL
;
_entity_poly.pdbx_strand_id   A,B
#
loop_
_chem_comp.id
_chem_comp.type
_chem_comp.name
_chem_comp.formula
HEM non-polymer 'PROTOPORPHYRIN IX CONTAINING FE' 'C34 H32 Fe N4 O4'
W10 non-polymer '(2~{S})-3-(1~{H}-indol-3-yl)-2-[2,2,3,3,4,4,5,5,6,6,7,7,8,8,9,9,10,10,10-nonadecakis(fluoranyl)decanoylamino]propanoic acid' 'C21 H11 F19 N2 O3'
#
# COMPACT_ATOMS: atom_id res chain seq x y z
N GLU A 5 21.09 34.67 -40.83
CA GLU A 5 21.96 34.68 -39.62
C GLU A 5 21.16 34.37 -38.34
N MET A 6 20.48 33.23 -38.34
CA MET A 6 19.64 32.81 -37.21
C MET A 6 20.52 32.52 -35.98
N PRO A 7 20.14 33.05 -34.81
CA PRO A 7 20.97 32.74 -33.65
C PRO A 7 21.09 31.23 -33.42
N GLN A 8 22.22 30.83 -32.85
CA GLN A 8 22.49 29.43 -32.59
C GLN A 8 23.43 29.35 -31.40
N PRO A 9 23.17 28.42 -30.48
CA PRO A 9 24.05 28.29 -29.32
C PRO A 9 25.38 27.62 -29.65
N LYS A 10 26.23 27.52 -28.63
CA LYS A 10 27.59 27.05 -28.80
C LYS A 10 27.68 25.62 -29.41
N THR A 11 28.65 25.43 -30.30
CA THR A 11 28.83 24.18 -31.04
C THR A 11 30.07 23.43 -30.55
N PHE A 12 30.11 22.13 -30.88
CA PHE A 12 31.15 21.21 -30.43
C PHE A 12 31.79 20.50 -31.64
N GLY A 13 32.37 21.29 -32.54
CA GLY A 13 32.98 20.75 -33.76
C GLY A 13 31.96 19.99 -34.58
N GLU A 14 32.32 18.78 -34.99
CA GLU A 14 31.44 17.90 -35.79
C GLU A 14 30.15 17.45 -35.06
N LEU A 15 30.12 17.54 -33.74
CA LEU A 15 28.92 17.15 -33.00
C LEU A 15 27.88 18.26 -33.01
N LYS A 16 28.24 19.42 -33.55
CA LYS A 16 27.36 20.58 -33.62
C LYS A 16 26.79 20.93 -32.24
N ASN A 17 25.47 21.11 -32.11
CA ASN A 17 24.87 21.45 -30.82
C ASN A 17 24.50 20.24 -29.97
N LEU A 18 24.70 19.01 -30.46
CA LEU A 18 24.16 17.83 -29.78
C LEU A 18 24.54 17.66 -28.30
N PRO A 19 25.82 17.89 -27.95
CA PRO A 19 26.20 17.68 -26.56
C PRO A 19 25.48 18.61 -25.57
N LEU A 20 24.88 19.71 -26.07
CA LEU A 20 24.03 20.53 -25.20
C LEU A 20 22.84 19.78 -24.57
N LEU A 21 22.37 18.73 -25.24
CA LEU A 21 21.25 17.95 -24.75
C LEU A 21 21.73 16.76 -23.93
N ASN A 22 23.04 16.60 -23.80
CA ASN A 22 23.62 15.57 -22.94
C ASN A 22 23.71 16.09 -21.51
N THR A 23 22.54 16.17 -20.88
CA THR A 23 22.38 16.72 -19.55
C THR A 23 21.13 16.05 -18.98
N ASP A 24 20.97 16.07 -17.66
CA ASP A 24 19.76 15.48 -17.11
C ASP A 24 18.57 16.46 -17.20
N LYS A 25 18.83 17.73 -17.49
CA LYS A 25 17.74 18.74 -17.58
C LYS A 25 17.77 19.51 -18.92
N PRO A 26 17.49 18.81 -20.03
CA PRO A 26 17.64 19.44 -21.34
C PRO A 26 16.64 20.58 -21.62
N VAL A 27 15.38 20.41 -21.22
CA VAL A 27 14.41 21.48 -21.45
C VAL A 27 14.82 22.75 -20.68
N GLN A 28 15.27 22.59 -19.44
CA GLN A 28 15.71 23.76 -18.68
C GLN A 28 16.96 24.41 -19.30
N ALA A 29 17.86 23.57 -19.83
CA ALA A 29 18.96 24.06 -20.67
C ALA A 29 18.48 24.86 -21.89
N LEU A 30 17.50 24.33 -22.60
CA LEU A 30 16.98 25.02 -23.79
C LEU A 30 16.32 26.34 -23.42
N MET A 31 15.65 26.36 -22.28
CA MET A 31 15.07 27.61 -21.78
C MET A 31 16.16 28.65 -21.50
N LYS A 32 17.27 28.23 -20.90
CA LYS A 32 18.36 29.17 -20.62
C LYS A 32 18.92 29.70 -21.94
N ILE A 33 19.08 28.82 -22.91
CA ILE A 33 19.56 29.23 -24.22
C ILE A 33 18.60 30.23 -24.83
N ALA A 34 17.30 29.95 -24.71
CA ALA A 34 16.30 30.86 -25.25
C ALA A 34 16.39 32.26 -24.62
N ASP A 35 16.63 32.31 -23.31
CA ASP A 35 16.83 33.59 -22.64
C ASP A 35 18.01 34.35 -23.23
N GLU A 36 19.07 33.63 -23.59
CA GLU A 36 20.27 34.27 -24.16
C GLU A 36 20.01 34.73 -25.59
N LEU A 37 19.42 33.85 -26.41
CA LEU A 37 19.37 34.10 -27.85
C LEU A 37 18.06 34.70 -28.37
N GLY A 38 16.99 34.62 -27.60
CA GLY A 38 15.73 35.25 -28.01
C GLY A 38 14.70 34.29 -28.59
N GLU A 39 13.81 34.85 -29.40
CA GLU A 39 12.59 34.15 -29.86
C GLU A 39 12.79 32.95 -30.78
N ILE A 40 13.95 32.88 -31.44
CA ILE A 40 14.25 31.78 -32.33
C ILE A 40 15.73 31.41 -32.31
N PHE A 41 16.03 30.13 -32.21
CA PHE A 41 17.39 29.66 -32.46
C PHE A 41 17.45 28.35 -33.19
N LYS A 42 18.50 28.23 -34.00
CA LYS A 42 18.78 26.99 -34.69
C LYS A 42 19.46 26.00 -33.76
N PHE A 43 19.08 24.75 -33.90
CA PHE A 43 19.75 23.68 -33.17
C PHE A 43 20.11 22.59 -34.17
N GLU A 44 21.40 22.32 -34.31
CA GLU A 44 21.88 21.30 -35.23
C GLU A 44 22.54 20.14 -34.50
N ALA A 45 22.35 18.96 -35.05
CA ALA A 45 23.05 17.74 -34.65
C ALA A 45 23.52 17.07 -35.94
N PRO A 46 24.40 16.07 -35.83
CA PRO A 46 24.82 15.42 -37.06
C PRO A 46 23.60 14.90 -37.86
N GLY A 47 23.48 15.35 -39.09
CA GLY A 47 22.42 14.90 -39.98
C GLY A 47 21.03 15.44 -39.67
N ARG A 48 20.92 16.49 -38.86
CA ARG A 48 19.61 17.04 -38.55
C ARG A 48 19.63 18.47 -38.03
N VAL A 49 18.48 19.13 -38.13
CA VAL A 49 18.34 20.52 -37.74
C VAL A 49 16.91 20.81 -37.29
N THR A 50 16.77 21.63 -36.25
CA THR A 50 15.45 22.17 -35.89
C THR A 50 15.60 23.60 -35.43
N ARG A 51 14.47 24.26 -35.23
CA ARG A 51 14.47 25.63 -34.76
C ARG A 51 13.53 25.75 -33.59
N TYR A 52 14.06 26.27 -32.49
CA TYR A 52 13.31 26.42 -31.25
C TYR A 52 12.67 27.79 -31.19
N LEU A 53 11.33 27.80 -31.04
CA LEU A 53 10.57 29.02 -30.98
C LEU A 53 10.09 29.29 -29.57
N SER A 54 10.18 30.56 -29.15
CA SER A 54 9.84 30.97 -27.80
C SER A 54 8.88 32.14 -27.69
N SER A 55 8.59 32.83 -28.79
CA SER A 55 7.75 34.02 -28.73
C SER A 55 6.37 33.72 -29.30
N GLN A 56 5.37 34.36 -28.73
CA GLN A 56 4.03 34.28 -29.27
C GLN A 56 3.96 34.76 -30.72
N ARG A 57 4.80 35.73 -31.06
CA ARG A 57 4.82 36.33 -32.39
C ARG A 57 5.09 35.27 -33.45
N LEU A 58 6.04 34.40 -33.19
CA LEU A 58 6.39 33.35 -34.13
C LEU A 58 5.52 32.09 -33.98
N ILE A 59 5.18 31.76 -32.74
CA ILE A 59 4.44 30.55 -32.47
C ILE A 59 3.01 30.64 -33.03
N LYS A 60 2.44 31.86 -33.13
CA LYS A 60 1.09 31.99 -33.71
C LYS A 60 1.09 31.59 -35.19
N GLU A 61 2.22 31.79 -35.88
CA GLU A 61 2.37 31.35 -37.27
C GLU A 61 2.58 29.82 -37.34
N ALA A 62 3.38 29.33 -36.42
CA ALA A 62 3.65 27.90 -36.33
C ALA A 62 2.37 27.12 -36.07
N CYS A 63 1.43 27.74 -35.35
CA CYS A 63 0.18 27.07 -35.02
C CYS A 63 -0.89 27.17 -36.10
N ASP A 64 -0.52 27.72 -37.26
CA ASP A 64 -1.38 27.76 -38.42
C ASP A 64 -1.33 26.40 -39.08
N GLU A 65 -2.43 25.67 -38.99
CA GLU A 65 -2.46 24.28 -39.42
C GLU A 65 -2.46 24.13 -40.93
N SER A 66 -2.68 25.21 -41.65
CA SER A 66 -2.54 25.17 -43.10
C SER A 66 -1.07 25.20 -43.50
N ARG A 67 -0.21 25.67 -42.60
CA ARG A 67 1.21 25.85 -42.88
C ARG A 67 2.09 24.82 -42.21
N PHE A 68 1.69 24.35 -41.03
CA PHE A 68 2.46 23.38 -40.28
C PHE A 68 1.59 22.28 -39.67
N ASP A 69 2.13 21.07 -39.61
CA ASP A 69 1.46 19.90 -39.04
C ASP A 69 2.37 19.35 -37.95
N LYS A 70 1.81 18.53 -37.05
CA LYS A 70 2.60 17.86 -36.02
C LYS A 70 3.70 16.99 -36.61
N ASN A 71 4.92 17.16 -36.10
CA ASN A 71 6.03 16.29 -36.38
C ASN A 71 6.24 15.36 -35.19
N LEU A 72 6.64 14.13 -35.45
CA LEU A 72 7.12 13.23 -34.43
C LEU A 72 8.58 13.53 -34.16
N SER A 73 8.85 14.26 -33.07
CA SER A 73 10.21 14.48 -32.57
C SER A 73 10.94 13.15 -32.42
N GLN A 74 12.24 13.21 -32.14
CA GLN A 74 13.01 11.98 -31.94
C GLN A 74 12.50 11.18 -30.74
N ALA A 75 12.14 11.89 -29.69
CA ALA A 75 11.63 11.26 -28.47
C ALA A 75 10.37 10.47 -28.79
N LEU A 76 9.45 11.11 -29.53
CA LEU A 76 8.21 10.45 -29.94
C LEU A 76 8.44 9.22 -30.84
N LYS A 77 9.40 9.30 -31.75
CA LYS A 77 9.72 8.15 -32.62
C LYS A 77 10.10 6.94 -31.80
N PHE A 78 10.83 7.15 -30.71
CA PHE A 78 11.22 6.08 -29.80
C PHE A 78 10.06 5.61 -28.92
N VAL A 79 9.20 6.55 -28.50
CA VAL A 79 8.00 6.18 -27.75
C VAL A 79 7.09 5.33 -28.63
N ARG A 80 7.10 5.64 -29.93
CA ARG A 80 6.31 4.89 -30.91
C ARG A 80 6.54 3.38 -30.90
N ASP A 81 7.76 2.97 -30.58
CA ASP A 81 8.08 1.55 -30.45
C ASP A 81 7.18 0.83 -29.47
N PHE A 82 6.65 1.53 -28.46
CA PHE A 82 5.65 0.91 -27.56
C PHE A 82 4.25 1.53 -27.60
N ALA A 83 4.14 2.80 -28.01
CA ALA A 83 2.82 3.46 -28.11
C ALA A 83 2.24 3.31 -29.51
N GLY A 84 3.08 2.91 -30.47
CA GLY A 84 2.62 2.49 -31.80
C GLY A 84 1.94 3.62 -32.55
N ASP A 85 0.85 3.28 -33.23
CA ASP A 85 0.04 4.30 -33.93
C ASP A 85 -1.17 4.72 -33.09
N GLY A 86 -0.98 4.79 -31.77
CA GLY A 86 -1.93 5.44 -30.87
C GLY A 86 -1.98 6.91 -31.21
N LEU A 87 -2.93 7.65 -30.66
CA LEU A 87 -3.13 9.05 -31.04
C LEU A 87 -1.88 9.94 -30.88
N PHE A 88 -1.10 9.70 -29.84
CA PHE A 88 -0.01 10.57 -29.46
C PHE A 88 1.20 10.44 -30.40
N THR A 89 1.46 9.22 -30.86
CA THR A 89 2.67 8.90 -31.64
C THR A 89 2.37 8.54 -33.11
N SER A 90 1.19 8.92 -33.58
CA SER A 90 0.85 8.78 -34.99
C SER A 90 0.94 10.11 -35.76
N TRP A 91 1.21 9.99 -37.05
CA TRP A 91 1.20 11.12 -37.97
C TRP A 91 -0.24 11.42 -38.31
N THR A 92 -0.53 12.68 -38.56
CA THR A 92 -1.88 13.14 -38.90
C THR A 92 -2.46 12.47 -40.14
N HIS A 93 -1.59 12.11 -41.06
CA HIS A 93 -1.96 11.51 -42.33
C HIS A 93 -2.13 9.99 -42.22
N GLU A 94 -1.88 9.39 -41.04
CA GLU A 94 -2.14 7.96 -40.87
C GLU A 94 -3.62 7.74 -40.64
N LYS A 95 -4.18 6.75 -41.34
CA LYS A 95 -5.62 6.46 -41.27
C LYS A 95 -6.06 6.22 -39.84
N ASN A 96 -5.25 5.53 -39.06
CA ASN A 96 -5.59 5.27 -37.65
C ASN A 96 -5.61 6.51 -36.76
N TRP A 97 -4.93 7.58 -37.16
CA TRP A 97 -4.97 8.81 -36.38
C TRP A 97 -6.39 9.38 -36.51
N LYS A 98 -6.84 9.60 -37.73
CA LYS A 98 -8.13 10.28 -37.93
C LYS A 98 -9.27 9.40 -37.45
N LYS A 99 -9.18 8.08 -37.66
CA LYS A 99 -10.20 7.16 -37.13
C LYS A 99 -10.31 7.24 -35.62
N ALA A 100 -9.18 7.12 -34.93
CA ALA A 100 -9.18 7.14 -33.46
C ALA A 100 -9.64 8.48 -32.92
N HIS A 101 -9.19 9.55 -33.56
CA HIS A 101 -9.57 10.92 -33.26
C HIS A 101 -11.09 11.06 -33.31
N ASN A 102 -11.69 10.67 -34.44
CA ASN A 102 -13.15 10.79 -34.61
C ASN A 102 -13.93 9.95 -33.59
N ILE A 103 -13.45 8.74 -33.34
CA ILE A 103 -14.12 7.84 -32.42
C ILE A 103 -14.02 8.33 -30.96
N LEU A 104 -12.82 8.74 -30.57
CA LEU A 104 -12.54 9.06 -29.15
C LEU A 104 -12.91 10.44 -28.67
N LEU A 105 -13.04 11.41 -29.58
CA LEU A 105 -13.30 12.78 -29.15
C LEU A 105 -14.54 12.93 -28.29
N PRO A 106 -15.67 12.27 -28.67
CA PRO A 106 -16.89 12.34 -27.84
C PRO A 106 -16.70 11.85 -26.42
N SER A 107 -16.03 10.72 -26.23
CA SER A 107 -15.76 10.21 -24.90
C SER A 107 -14.78 11.07 -24.05
N PHE A 108 -14.31 12.19 -24.59
CA PHE A 108 -13.35 13.05 -23.88
C PHE A 108 -13.82 14.49 -23.72
N SER A 109 -15.11 14.74 -23.97
CA SER A 109 -15.67 16.07 -23.91
C SER A 109 -15.82 16.51 -22.48
N GLN A 110 -15.97 17.80 -22.27
CA GLN A 110 -16.29 18.31 -20.94
C GLN A 110 -17.49 17.54 -20.40
N GLN A 111 -18.48 17.33 -21.26
CA GLN A 111 -19.71 16.65 -20.88
C GLN A 111 -19.56 15.15 -20.61
N ALA A 112 -18.56 14.50 -21.23
CA ALA A 112 -18.31 13.08 -20.95
C ALA A 112 -17.78 12.86 -19.53
N MET A 113 -17.23 13.93 -18.95
CA MET A 113 -16.65 13.88 -17.62
C MET A 113 -17.69 13.58 -16.55
N LYS A 114 -18.96 13.87 -16.85
CA LYS A 114 -20.06 13.54 -15.93
C LYS A 114 -20.05 12.06 -15.67
N GLY A 115 -19.88 11.27 -16.73
CA GLY A 115 -19.81 9.83 -16.62
C GLY A 115 -18.60 9.29 -15.87
N TYR A 116 -17.45 9.97 -15.98
CA TYR A 116 -16.26 9.54 -15.24
C TYR A 116 -16.17 10.05 -13.81
N HIS A 117 -17.00 11.04 -13.46
CA HIS A 117 -16.86 11.74 -12.17
C HIS A 117 -16.83 10.78 -10.98
N ALA A 118 -17.74 9.82 -10.95
CA ALA A 118 -17.83 8.92 -9.81
C ALA A 118 -16.54 8.13 -9.58
N MET A 119 -15.93 7.66 -10.66
N MET A 119 -15.91 7.65 -10.64
CA MET A 119 -14.69 6.90 -10.62
CA MET A 119 -14.68 6.87 -10.46
C MET A 119 -13.51 7.78 -10.22
C MET A 119 -13.45 7.78 -10.23
N MET A 120 -13.50 9.02 -10.68
CA MET A 120 -12.50 10.02 -10.20
C MET A 120 -12.62 10.25 -8.68
N VAL A 121 -13.85 10.38 -8.18
CA VAL A 121 -14.06 10.55 -6.74
C VAL A 121 -13.56 9.32 -5.95
N ASP A 122 -13.79 8.13 -6.49
CA ASP A 122 -13.33 6.88 -5.86
C ASP A 122 -11.83 6.97 -5.54
N ILE A 123 -11.02 7.39 -6.53
CA ILE A 123 -9.58 7.46 -6.33
C ILE A 123 -9.20 8.65 -5.45
N ALA A 124 -9.88 9.78 -5.66
CA ALA A 124 -9.62 10.98 -4.86
C ALA A 124 -9.90 10.75 -3.37
N VAL A 125 -10.95 10.01 -3.06
CA VAL A 125 -11.27 9.66 -1.66
C VAL A 125 -10.15 8.76 -1.08
N GLN A 126 -9.63 7.84 -1.88
CA GLN A 126 -8.48 7.02 -1.44
C GLN A 126 -7.29 7.89 -1.06
N LEU A 127 -6.98 8.92 -1.86
CA LEU A 127 -5.91 9.84 -1.55
C LEU A 127 -6.17 10.59 -0.23
N VAL A 128 -7.35 11.19 -0.10
CA VAL A 128 -7.74 11.90 1.13
C VAL A 128 -7.62 10.97 2.36
N GLN A 129 -8.15 9.77 2.27
N GLN A 129 -8.15 9.75 2.27
CA GLN A 129 -8.09 8.81 3.40
CA GLN A 129 -8.10 8.82 3.39
C GLN A 129 -6.63 8.49 3.78
C GLN A 129 -6.67 8.45 3.78
N LYS A 130 -5.80 8.25 2.78
CA LYS A 130 -4.39 8.00 3.05
C LYS A 130 -3.79 9.12 3.90
N TRP A 131 -4.03 10.36 3.49
CA TRP A 131 -3.48 11.52 4.21
C TRP A 131 -4.13 11.73 5.59
N GLU A 132 -5.43 11.45 5.70
CA GLU A 132 -6.11 11.50 6.99
C GLU A 132 -5.50 10.50 7.99
N ARG A 133 -5.02 9.38 7.47
CA ARG A 133 -4.50 8.30 8.31
C ARG A 133 -3.03 8.39 8.67
N LEU A 134 -2.33 9.41 8.19
CA LEU A 134 -0.94 9.58 8.56
C LEU A 134 -0.85 10.02 10.02
N ASN A 135 0.23 9.62 10.67
CA ASN A 135 0.51 10.03 12.04
C ASN A 135 1.16 11.41 12.06
N ALA A 136 1.22 11.99 13.25
CA ALA A 136 1.60 13.39 13.44
C ALA A 136 2.95 13.79 12.82
N ASP A 137 4.00 13.03 13.04
CA ASP A 137 5.32 13.48 12.54
C ASP A 137 5.57 13.13 11.06
N GLU A 138 4.59 12.51 10.40
CA GLU A 138 4.80 11.97 9.07
C GLU A 138 4.56 13.03 8.02
N HIS A 139 5.04 12.77 6.81
CA HIS A 139 4.91 13.75 5.74
C HIS A 139 4.50 13.06 4.44
N ILE A 140 4.21 13.88 3.44
CA ILE A 140 3.69 13.43 2.16
C ILE A 140 4.76 13.59 1.10
N GLU A 141 4.99 12.53 0.32
CA GLU A 141 5.85 12.60 -0.86
C GLU A 141 4.89 12.95 -2.00
N VAL A 142 4.90 14.21 -2.42
CA VAL A 142 3.84 14.75 -3.31
C VAL A 142 3.81 14.11 -4.71
N PRO A 143 4.91 14.21 -5.49
CA PRO A 143 4.84 13.64 -6.84
C PRO A 143 4.49 12.16 -6.83
N GLU A 144 5.00 11.45 -5.83
CA GLU A 144 4.74 10.02 -5.67
C GLU A 144 3.27 9.73 -5.43
N ASP A 145 2.63 10.47 -4.55
CA ASP A 145 1.20 10.29 -4.29
C ASP A 145 0.26 10.79 -5.40
N MET A 146 0.63 11.89 -6.05
CA MET A 146 -0.11 12.37 -7.23
C MET A 146 -0.06 11.37 -8.39
N THR A 147 1.06 10.65 -8.54
CA THR A 147 1.19 9.62 -9.56
C THR A 147 0.32 8.38 -9.25
N ARG A 148 0.25 7.98 -7.99
CA ARG A 148 -0.64 6.91 -7.58
C ARG A 148 -2.07 7.29 -7.96
N LEU A 149 -2.42 8.54 -7.68
CA LEU A 149 -3.77 9.03 -7.98
C LEU A 149 -4.07 9.03 -9.48
N THR A 150 -3.19 9.62 -10.28
CA THR A 150 -3.49 9.87 -11.69
C THR A 150 -3.45 8.60 -12.50
N LEU A 151 -2.51 7.72 -12.17
CA LEU A 151 -2.47 6.42 -12.80
C LEU A 151 -3.76 5.67 -12.51
N ASP A 152 -4.12 5.61 -11.23
CA ASP A 152 -5.25 4.82 -10.85
C ASP A 152 -6.53 5.36 -11.49
N THR A 153 -6.62 6.69 -11.59
CA THR A 153 -7.80 7.35 -12.14
C THR A 153 -7.98 7.01 -13.63
N ILE A 154 -6.91 7.10 -14.40
CA ILE A 154 -7.03 6.78 -15.81
C ILE A 154 -7.28 5.27 -16.00
N GLY A 155 -6.66 4.43 -15.18
CA GLY A 155 -6.91 2.99 -15.19
C GLY A 155 -8.38 2.65 -14.94
N LEU A 156 -8.99 3.30 -13.95
CA LEU A 156 -10.36 2.99 -13.55
C LEU A 156 -11.39 3.60 -14.51
N CYS A 157 -11.29 4.91 -14.73
CA CYS A 157 -12.21 5.62 -15.66
C CYS A 157 -12.13 5.11 -17.09
N GLY A 158 -10.92 4.83 -17.55
CA GLY A 158 -10.73 4.43 -18.92
C GLY A 158 -10.86 2.95 -19.24
N PHE A 159 -10.54 2.07 -18.30
N PHE A 159 -10.58 2.13 -18.23
CA PHE A 159 -10.55 0.64 -18.61
CA PHE A 159 -10.22 0.73 -18.41
C PHE A 159 -11.11 -0.25 -17.49
C PHE A 159 -11.03 -0.20 -17.49
N ASN A 160 -11.71 0.38 -16.49
CA ASN A 160 -12.29 -0.35 -15.37
C ASN A 160 -11.29 -1.29 -14.70
N TYR A 161 -10.03 -0.89 -14.70
CA TYR A 161 -8.96 -1.68 -14.10
C TYR A 161 -8.37 -0.91 -12.91
N ARG A 162 -8.24 -1.61 -11.79
CA ARG A 162 -7.66 -1.06 -10.55
C ARG A 162 -6.18 -1.41 -10.38
N PHE A 163 -5.31 -0.43 -10.60
CA PHE A 163 -3.89 -0.59 -10.31
C PHE A 163 -3.63 -0.67 -8.80
N ASN A 164 -4.57 -0.18 -8.00
CA ASN A 164 -4.44 -0.22 -6.55
C ASN A 164 -3.10 0.35 -6.03
N SER A 165 -2.75 1.52 -6.54
CA SER A 165 -1.48 2.16 -6.25
C SER A 165 -1.36 2.60 -4.78
N PHE A 166 -2.47 2.92 -4.14
CA PHE A 166 -2.44 3.28 -2.72
C PHE A 166 -2.30 2.08 -1.76
N TYR A 167 -2.32 0.86 -2.29
CA TYR A 167 -2.01 -0.36 -1.53
C TYR A 167 -0.57 -0.85 -1.72
N ARG A 168 0.28 -0.03 -2.32
CA ARG A 168 1.62 -0.49 -2.68
C ARG A 168 2.71 0.52 -2.42
N ASP A 169 3.94 0.00 -2.32
CA ASP A 169 5.18 0.75 -2.53
C ASP A 169 5.74 0.38 -3.90
N GLN A 170 5.80 -0.93 -4.18
CA GLN A 170 6.21 -1.47 -5.49
C GLN A 170 5.07 -1.34 -6.50
N PRO A 171 5.19 -0.39 -7.45
CA PRO A 171 4.09 -0.13 -8.37
C PRO A 171 3.95 -1.23 -9.45
N HIS A 172 2.75 -1.35 -10.01
CA HIS A 172 2.37 -2.44 -10.92
C HIS A 172 3.49 -2.91 -11.86
N PRO A 173 3.53 -4.22 -12.17
CA PRO A 173 4.48 -4.73 -13.18
C PRO A 173 4.36 -4.03 -14.53
N PHE A 174 3.16 -3.55 -14.86
CA PHE A 174 2.95 -2.75 -16.07
C PHE A 174 3.72 -1.43 -16.00
N ILE A 175 3.50 -0.66 -14.92
CA ILE A 175 4.13 0.66 -14.81
C ILE A 175 5.64 0.59 -14.79
N THR A 176 6.24 -0.38 -14.08
CA THR A 176 7.71 -0.47 -14.02
C THR A 176 8.28 -0.66 -15.43
N SER A 177 7.68 -1.59 -16.18
CA SER A 177 7.94 -1.76 -17.60
C SER A 177 7.75 -0.46 -18.39
N MET A 178 6.62 0.20 -18.16
CA MET A 178 6.31 1.46 -18.85
C MET A 178 7.34 2.56 -18.52
N VAL A 179 7.65 2.72 -17.23
CA VAL A 179 8.64 3.70 -16.78
C VAL A 179 9.99 3.36 -17.41
N ARG A 180 10.36 2.07 -17.38
CA ARG A 180 11.68 1.67 -17.89
C ARG A 180 11.70 1.83 -19.41
N ALA A 181 10.56 1.59 -20.06
CA ALA A 181 10.42 1.82 -21.49
C ALA A 181 10.64 3.29 -21.83
N LEU A 182 10.01 4.16 -21.06
CA LEU A 182 10.16 5.61 -21.21
C LEU A 182 11.59 6.07 -20.98
N ASP A 183 12.25 5.42 -20.02
CA ASP A 183 13.65 5.73 -19.66
C ASP A 183 14.57 5.46 -20.84
N GLU A 184 14.45 4.25 -21.39
CA GLU A 184 15.24 3.81 -22.52
C GLU A 184 15.08 4.72 -23.73
N ALA A 185 13.85 5.14 -24.00
CA ALA A 185 13.56 6.05 -25.12
C ALA A 185 14.22 7.40 -24.91
N MET A 186 14.20 7.89 -23.67
CA MET A 186 14.86 9.16 -23.32
C MET A 186 16.36 9.08 -23.58
N ASN A 187 16.98 8.01 -23.09
CA ASN A 187 18.44 7.84 -23.20
C ASN A 187 18.94 7.86 -24.65
N LYS A 188 18.21 7.19 -25.54
CA LYS A 188 18.62 7.05 -26.94
C LYS A 188 18.81 8.38 -27.68
N LEU A 189 18.36 9.49 -27.09
CA LEU A 189 18.56 10.81 -27.68
C LEU A 189 20.03 11.27 -27.61
N GLN A 190 20.82 10.64 -26.75
CA GLN A 190 22.24 10.97 -26.60
CA GLN A 190 22.23 10.97 -26.55
C GLN A 190 23.09 9.72 -26.75
N ARG A 191 23.04 9.13 -27.94
CA ARG A 191 23.68 7.84 -28.17
C ARG A 191 24.21 7.67 -29.61
N ALA A 192 25.51 7.88 -29.78
CA ALA A 192 26.17 7.68 -31.07
C ALA A 192 26.18 6.18 -31.42
N ASN A 193 25.92 5.88 -32.69
CA ASN A 193 25.86 4.50 -33.20
C ASN A 193 24.93 3.60 -32.39
N PRO A 194 23.63 3.57 -32.75
CA PRO A 194 22.65 2.77 -32.00
C PRO A 194 22.87 1.26 -32.11
N ASP A 195 23.53 0.82 -33.19
CA ASP A 195 23.79 -0.60 -33.43
C ASP A 195 25.01 -1.16 -32.66
N ASP A 196 25.66 -0.32 -31.85
CA ASP A 196 26.79 -0.73 -31.00
C ASP A 196 26.41 -1.93 -30.12
N PRO A 197 27.22 -3.02 -30.14
CA PRO A 197 27.00 -4.16 -29.24
C PRO A 197 26.89 -3.78 -27.74
N ALA A 198 27.53 -2.68 -27.36
CA ALA A 198 27.44 -2.14 -25.99
C ALA A 198 25.98 -1.99 -25.49
N TYR A 199 25.07 -1.69 -26.41
CA TYR A 199 23.65 -1.48 -26.07
C TYR A 199 22.77 -2.71 -26.32
N ASP A 200 23.37 -3.88 -26.57
CA ASP A 200 22.57 -5.10 -26.76
C ASP A 200 21.67 -5.37 -25.54
N GLU A 201 22.22 -5.20 -24.34
CA GLU A 201 21.46 -5.40 -23.09
C GLU A 201 20.28 -4.43 -22.96
N ASN A 202 20.45 -3.22 -23.49
CA ASN A 202 19.41 -2.21 -23.46
C ASN A 202 18.26 -2.58 -24.41
N LYS A 203 18.61 -3.08 -25.60
CA LYS A 203 17.62 -3.58 -26.55
C LYS A 203 16.86 -4.78 -25.98
N ARG A 204 17.60 -5.72 -25.38
CA ARG A 204 16.99 -6.86 -24.69
C ARG A 204 15.93 -6.39 -23.71
N GLN A 205 16.28 -5.42 -22.87
CA GLN A 205 15.39 -4.97 -21.80
C GLN A 205 14.14 -4.28 -22.38
N PHE A 206 14.38 -3.38 -23.33
CA PHE A 206 13.31 -2.69 -24.06
C PHE A 206 12.26 -3.66 -24.57
N GLN A 207 12.71 -4.77 -25.15
CA GLN A 207 11.78 -5.78 -25.68
C GLN A 207 10.92 -6.44 -24.61
N GLU A 208 11.50 -6.72 -23.44
CA GLU A 208 10.78 -7.39 -22.34
C GLU A 208 9.62 -6.53 -21.82
N ASP A 209 9.85 -5.22 -21.73
CA ASP A 209 8.87 -4.28 -21.18
C ASP A 209 7.64 -4.13 -22.09
N ILE A 210 7.87 -4.10 -23.40
CA ILE A 210 6.79 -4.06 -24.38
C ILE A 210 5.84 -5.25 -24.21
N LYS A 211 6.42 -6.45 -24.03
CA LYS A 211 5.63 -7.68 -23.88
C LYS A 211 4.79 -7.66 -22.62
N VAL A 212 5.30 -7.05 -21.56
CA VAL A 212 4.54 -6.89 -20.33
C VAL A 212 3.28 -6.06 -20.63
N MET A 213 3.52 -4.87 -21.19
CA MET A 213 2.44 -3.93 -21.46
C MET A 213 1.44 -4.53 -22.47
N ASN A 214 1.94 -5.07 -23.57
CA ASN A 214 1.05 -5.68 -24.60
C ASN A 214 0.22 -6.88 -24.11
N ASP A 215 0.81 -7.74 -23.29
CA ASP A 215 0.11 -8.93 -22.78
C ASP A 215 -0.99 -8.55 -21.80
N LEU A 216 -0.70 -7.65 -20.85
CA LEU A 216 -1.72 -7.20 -19.89
C LEU A 216 -2.91 -6.56 -20.61
N VAL A 217 -2.61 -5.65 -21.52
CA VAL A 217 -3.64 -4.81 -22.13
C VAL A 217 -4.50 -5.66 -23.07
N ASP A 218 -3.85 -6.45 -23.94
CA ASP A 218 -4.59 -7.37 -24.84
C ASP A 218 -5.51 -8.30 -24.04
N LYS A 219 -4.99 -8.82 -22.94
CA LYS A 219 -5.78 -9.69 -22.05
C LYS A 219 -7.04 -8.98 -21.56
N ILE A 220 -6.89 -7.74 -21.10
CA ILE A 220 -8.05 -7.01 -20.63
C ILE A 220 -9.03 -6.79 -21.78
N ILE A 221 -8.51 -6.38 -22.94
CA ILE A 221 -9.34 -6.22 -24.15
C ILE A 221 -10.21 -7.45 -24.37
N ALA A 222 -9.55 -8.62 -24.42
CA ALA A 222 -10.21 -9.90 -24.71
C ALA A 222 -11.18 -10.32 -23.60
N ASP A 223 -10.76 -10.18 -22.35
CA ASP A 223 -11.66 -10.46 -21.22
C ASP A 223 -12.96 -9.69 -21.38
N ARG A 224 -12.84 -8.40 -21.70
CA ARG A 224 -13.98 -7.51 -21.87
C ARG A 224 -14.85 -7.89 -23.07
N LYS A 225 -14.22 -8.21 -24.20
CA LYS A 225 -14.94 -8.67 -25.39
C LYS A 225 -15.74 -9.95 -25.10
N ALA A 226 -15.07 -10.95 -24.51
CA ALA A 226 -15.72 -12.19 -24.10
C ALA A 226 -16.87 -11.88 -23.14
N SER A 227 -16.53 -11.19 -22.05
CA SER A 227 -17.49 -10.78 -21.03
C SER A 227 -18.74 -10.15 -21.60
N GLY A 228 -18.57 -9.25 -22.56
CA GLY A 228 -19.69 -8.52 -23.16
C GLY A 228 -20.37 -7.53 -22.22
N GLU A 229 -19.73 -7.22 -21.10
CA GLU A 229 -20.34 -6.38 -20.05
C GLU A 229 -20.16 -4.90 -20.36
N GLN A 230 -21.20 -4.12 -20.04
CA GLN A 230 -21.27 -2.74 -20.44
C GLN A 230 -20.86 -1.82 -19.29
N SER A 231 -19.64 -1.32 -19.38
CA SER A 231 -19.22 -0.14 -18.62
C SER A 231 -19.40 1.01 -19.58
N ASP A 232 -19.23 2.24 -19.13
CA ASP A 232 -19.32 3.38 -20.04
C ASP A 232 -17.92 3.95 -20.32
N ASP A 233 -16.89 3.25 -19.85
CA ASP A 233 -15.49 3.70 -19.94
C ASP A 233 -14.94 3.81 -21.37
N LEU A 234 -13.70 4.28 -21.50
CA LEU A 234 -13.09 4.49 -22.80
C LEU A 234 -13.01 3.20 -23.61
N LEU A 235 -12.66 2.11 -22.95
CA LEU A 235 -12.57 0.83 -23.62
C LEU A 235 -13.92 0.38 -24.23
N THR A 236 -15.00 0.56 -23.50
CA THR A 236 -16.33 0.21 -24.03
C THR A 236 -16.58 1.03 -25.27
N HIS A 237 -16.38 2.34 -25.13
CA HIS A 237 -16.62 3.25 -26.23
C HIS A 237 -15.83 2.86 -27.46
N MET A 238 -14.61 2.39 -27.25
CA MET A 238 -13.76 1.97 -28.36
C MET A 238 -14.18 0.63 -28.97
N LEU A 239 -14.73 -0.28 -28.16
CA LEU A 239 -15.14 -1.60 -28.69
C LEU A 239 -16.35 -1.49 -29.61
N ASN A 240 -17.26 -0.59 -29.26
CA ASN A 240 -18.51 -0.41 -29.98
C ASN A 240 -18.45 0.73 -31.00
N GLY A 241 -17.46 1.60 -30.88
CA GLY A 241 -17.42 2.86 -31.62
C GLY A 241 -17.04 2.71 -33.08
N LYS A 242 -17.78 3.41 -33.93
CA LYS A 242 -17.48 3.49 -35.37
C LYS A 242 -17.08 4.90 -35.74
N ASP A 243 -16.07 5.02 -36.59
CA ASP A 243 -15.69 6.33 -37.13
C ASP A 243 -16.77 6.77 -38.11
N PRO A 244 -17.38 7.96 -37.91
CA PRO A 244 -18.39 8.46 -38.85
C PRO A 244 -17.91 8.56 -40.30
N GLU A 245 -16.68 8.97 -40.52
CA GLU A 245 -16.18 9.14 -41.90
C GLU A 245 -16.01 7.80 -42.64
N THR A 246 -15.13 6.94 -42.15
CA THR A 246 -14.92 5.64 -42.79
C THR A 246 -16.02 4.59 -42.49
N GLY A 247 -16.77 4.77 -41.40
CA GLY A 247 -17.69 3.73 -40.91
C GLY A 247 -17.00 2.54 -40.24
N GLU A 248 -15.68 2.62 -40.04
CA GLU A 248 -14.91 1.53 -39.46
C GLU A 248 -14.69 1.72 -37.95
N PRO A 249 -14.58 0.60 -37.20
CA PRO A 249 -14.13 0.62 -35.82
C PRO A 249 -12.61 0.54 -35.74
N LEU A 250 -12.04 0.86 -34.58
CA LEU A 250 -10.62 0.61 -34.36
C LEU A 250 -10.43 -0.90 -34.25
N ASP A 251 -9.34 -1.43 -34.80
CA ASP A 251 -9.04 -2.85 -34.58
C ASP A 251 -8.39 -3.04 -33.20
N ASP A 252 -8.27 -4.30 -32.77
CA ASP A 252 -7.84 -4.59 -31.39
C ASP A 252 -6.41 -4.18 -31.09
N GLU A 253 -5.51 -4.29 -32.07
CA GLU A 253 -4.14 -3.86 -31.88
C GLU A 253 -4.06 -2.35 -31.66
N ASN A 254 -4.87 -1.58 -32.39
CA ASN A 254 -4.82 -0.12 -32.21
C ASN A 254 -5.42 0.27 -30.87
N ILE A 255 -6.51 -0.40 -30.48
CA ILE A 255 -7.15 -0.16 -29.18
C ILE A 255 -6.15 -0.35 -28.04
N ARG A 256 -5.29 -1.35 -28.17
CA ARG A 256 -4.22 -1.56 -27.22
C ARG A 256 -3.29 -0.36 -27.18
N TYR A 257 -2.86 0.08 -28.35
CA TYR A 257 -1.93 1.20 -28.42
C TYR A 257 -2.55 2.43 -27.78
N GLN A 258 -3.86 2.64 -28.00
CA GLN A 258 -4.56 3.74 -27.36
C GLN A 258 -4.53 3.60 -25.84
N ILE A 259 -4.74 2.38 -25.34
CA ILE A 259 -4.73 2.17 -23.89
C ILE A 259 -3.36 2.49 -23.29
N ILE A 260 -2.31 1.94 -23.88
CA ILE A 260 -0.95 2.25 -23.46
C ILE A 260 -0.72 3.76 -23.48
N THR A 261 -1.21 4.39 -24.54
CA THR A 261 -1.01 5.82 -24.73
C THR A 261 -1.70 6.59 -23.62
N PHE A 262 -2.96 6.26 -23.33
CA PHE A 262 -3.69 6.99 -22.26
C PHE A 262 -3.02 6.79 -20.94
N LEU A 263 -2.57 5.57 -20.70
CA LEU A 263 -1.86 5.27 -19.47
C LEU A 263 -0.61 6.10 -19.35
N ILE A 264 0.18 6.22 -20.43
CA ILE A 264 1.36 7.06 -20.43
C ILE A 264 0.93 8.52 -20.34
N ALA A 265 0.38 9.02 -21.46
CA ALA A 265 -0.05 10.40 -21.60
C ALA A 265 -1.50 10.47 -21.17
N GLY A 266 -1.80 11.11 -20.05
CA GLY A 266 -0.83 11.86 -19.27
C GLY A 266 -1.15 11.69 -17.82
N HIS A 267 -0.93 10.48 -17.32
CA HIS A 267 -0.90 10.23 -15.89
C HIS A 267 0.27 11.03 -15.31
N GLU A 268 1.37 11.06 -16.06
CA GLU A 268 2.62 11.68 -15.62
C GLU A 268 2.53 13.20 -15.77
N THR A 269 1.96 13.66 -16.88
CA THR A 269 1.72 15.08 -17.07
C THR A 269 0.74 15.58 -16.04
N THR A 270 -0.34 14.82 -15.77
CA THR A 270 -1.35 15.29 -14.82
C THR A 270 -0.81 15.27 -13.40
N SER A 271 -0.02 14.26 -13.05
CA SER A 271 0.54 14.25 -11.69
C SER A 271 1.54 15.40 -11.49
N GLY A 272 2.33 15.66 -12.52
CA GLY A 272 3.18 16.85 -12.57
C GLY A 272 2.40 18.12 -12.27
N LEU A 273 1.24 18.25 -12.89
CA LEU A 273 0.43 19.47 -12.75
C LEU A 273 0.03 19.66 -11.30
N LEU A 274 -0.54 18.60 -10.72
CA LEU A 274 -0.96 18.63 -9.33
C LEU A 274 0.24 18.91 -8.40
N SER A 275 1.39 18.32 -8.69
CA SER A 275 2.56 18.54 -7.85
C SER A 275 3.04 19.98 -7.93
N PHE A 276 3.10 20.53 -9.14
CA PHE A 276 3.49 21.92 -9.31
C PHE A 276 2.47 22.86 -8.69
N ALA A 277 1.18 22.55 -8.85
CA ALA A 277 0.13 23.38 -8.25
C ALA A 277 0.27 23.47 -6.73
N LEU A 278 0.42 22.32 -6.06
CA LEU A 278 0.59 22.33 -4.61
C LEU A 278 1.89 23.05 -4.20
N TYR A 279 2.95 22.86 -4.98
CA TYR A 279 4.21 23.59 -4.75
C TYR A 279 3.95 25.10 -4.74
N PHE A 280 3.27 25.59 -5.76
CA PHE A 280 3.06 27.03 -5.86
C PHE A 280 2.16 27.50 -4.74
N LEU A 281 1.18 26.69 -4.36
CA LEU A 281 0.30 27.06 -3.25
C LEU A 281 1.05 27.23 -1.93
N VAL A 282 1.88 26.25 -1.56
CA VAL A 282 2.62 26.36 -0.29
C VAL A 282 3.67 27.46 -0.31
N LYS A 283 4.16 27.82 -1.49
CA LYS A 283 5.08 28.96 -1.60
C LYS A 283 4.38 30.32 -1.66
N ASN A 284 3.04 30.35 -1.76
CA ASN A 284 2.27 31.58 -1.90
C ASN A 284 1.03 31.53 -1.00
N PRO A 285 1.23 31.74 0.31
CA PRO A 285 0.20 31.47 1.31
C PRO A 285 -1.11 32.25 1.13
N HIS A 286 -1.05 33.46 0.61
CA HIS A 286 -2.28 34.21 0.31
C HIS A 286 -3.10 33.56 -0.80
N VAL A 287 -2.41 32.95 -1.74
CA VAL A 287 -3.07 32.28 -2.84
C VAL A 287 -3.71 30.97 -2.33
N LEU A 288 -2.95 30.22 -1.53
CA LEU A 288 -3.44 29.04 -0.85
C LEU A 288 -4.73 29.33 -0.07
N GLN A 289 -4.70 30.40 0.75
CA GLN A 289 -5.87 30.78 1.52
C GLN A 289 -7.10 31.08 0.65
N LYS A 290 -6.92 31.84 -0.43
CA LYS A 290 -7.99 32.13 -1.39
C LYS A 290 -8.57 30.86 -2.01
N ALA A 291 -7.69 29.95 -2.40
CA ALA A 291 -8.09 28.68 -2.96
C ALA A 291 -8.82 27.81 -1.91
N ALA A 292 -8.32 27.78 -0.69
CA ALA A 292 -8.96 27.03 0.40
C ALA A 292 -10.33 27.59 0.77
N GLU A 293 -10.45 28.92 0.77
CA GLU A 293 -11.74 29.55 1.01
C GLU A 293 -12.79 29.16 -0.05
N GLU A 294 -12.39 29.15 -1.31
CA GLU A 294 -13.29 28.69 -2.37
C GLU A 294 -13.72 27.24 -2.16
N ALA A 295 -12.76 26.35 -1.87
CA ALA A 295 -13.07 24.94 -1.69
C ALA A 295 -14.05 24.74 -0.55
N ALA A 296 -13.80 25.41 0.58
CA ALA A 296 -14.71 25.38 1.72
C ALA A 296 -16.10 25.93 1.36
N ARG A 297 -16.15 27.01 0.60
CA ARG A 297 -17.46 27.60 0.23
C ARG A 297 -18.27 26.71 -0.73
N VAL A 298 -17.59 26.00 -1.63
CA VAL A 298 -18.24 25.36 -2.77
C VAL A 298 -18.50 23.88 -2.48
N LEU A 299 -17.50 23.19 -1.93
CA LEU A 299 -17.59 21.75 -1.69
C LEU A 299 -18.34 21.47 -0.37
N VAL A 300 -19.65 21.74 -0.38
CA VAL A 300 -20.48 21.67 0.84
C VAL A 300 -20.97 20.26 1.23
N ASP A 301 -20.73 19.26 0.38
CA ASP A 301 -21.17 17.89 0.62
C ASP A 301 -19.95 17.01 0.85
N PRO A 302 -20.11 15.86 1.55
CA PRO A 302 -18.95 14.97 1.77
C PRO A 302 -18.33 14.43 0.47
N VAL A 303 -19.19 14.28 -0.55
CA VAL A 303 -18.79 13.82 -1.87
C VAL A 303 -18.95 14.99 -2.83
N PRO A 304 -17.85 15.47 -3.45
CA PRO A 304 -18.06 16.53 -4.45
C PRO A 304 -18.88 16.08 -5.66
N SER A 305 -19.79 16.95 -6.11
CA SER A 305 -20.57 16.69 -7.32
C SER A 305 -19.84 17.26 -8.54
N TYR A 306 -20.20 16.77 -9.71
CA TYR A 306 -19.68 17.29 -10.97
C TYR A 306 -19.90 18.81 -11.08
N LYS A 307 -21.11 19.29 -10.77
CA LYS A 307 -21.41 20.74 -10.84
C LYS A 307 -20.50 21.55 -9.91
N GLN A 308 -20.25 21.03 -8.71
CA GLN A 308 -19.42 21.71 -7.73
C GLN A 308 -17.99 21.86 -8.24
N VAL A 309 -17.46 20.82 -8.87
CA VAL A 309 -16.11 20.90 -9.44
C VAL A 309 -16.03 22.01 -10.50
N LYS A 310 -17.03 22.09 -11.38
CA LYS A 310 -17.15 23.19 -12.35
C LYS A 310 -17.24 24.56 -11.70
N GLN A 311 -17.68 24.64 -10.46
CA GLN A 311 -17.75 25.92 -9.77
C GLN A 311 -16.45 26.33 -9.09
N LEU A 312 -15.44 25.46 -9.09
CA LEU A 312 -14.15 25.83 -8.47
C LEU A 312 -13.33 26.70 -9.42
N LYS A 313 -13.77 27.94 -9.57
CA LYS A 313 -13.18 28.89 -10.52
C LYS A 313 -11.74 29.22 -10.20
N TYR A 314 -11.49 29.58 -8.95
CA TYR A 314 -10.16 29.96 -8.51
C TYR A 314 -9.17 28.80 -8.51
N VAL A 315 -9.63 27.62 -8.18
CA VAL A 315 -8.80 26.43 -8.24
C VAL A 315 -8.38 26.18 -9.70
N GLY A 316 -9.31 26.35 -10.62
CA GLY A 316 -9.01 26.30 -12.05
C GLY A 316 -7.96 27.32 -12.47
N MET A 317 -8.05 28.53 -11.91
CA MET A 317 -7.07 29.59 -12.18
C MET A 317 -5.69 29.19 -11.66
N VAL A 318 -5.67 28.60 -10.46
CA VAL A 318 -4.44 28.10 -9.87
C VAL A 318 -3.79 27.05 -10.81
N LEU A 319 -4.58 26.13 -11.35
CA LEU A 319 -4.04 25.10 -12.22
C LEU A 319 -3.51 25.70 -13.51
N ASN A 320 -4.23 26.66 -14.09
CA ASN A 320 -3.75 27.30 -15.33
C ASN A 320 -2.45 28.05 -15.10
N GLU A 321 -2.30 28.73 -13.96
CA GLU A 321 -1.06 29.46 -13.67
C GLU A 321 0.11 28.51 -13.42
N ALA A 322 -0.16 27.34 -12.85
CA ALA A 322 0.85 26.29 -12.74
C ALA A 322 1.25 25.72 -14.10
N LEU A 323 0.27 25.55 -14.99
CA LEU A 323 0.53 25.15 -16.37
C LEU A 323 1.29 26.21 -17.16
N ARG A 324 1.05 27.48 -16.84
CA ARG A 324 1.79 28.56 -17.49
C ARG A 324 3.27 28.44 -17.16
N LEU A 325 3.59 28.35 -15.87
CA LEU A 325 4.99 28.39 -15.43
C LEU A 325 5.71 27.07 -15.73
N TRP A 326 5.06 25.95 -15.47
CA TRP A 326 5.71 24.65 -15.72
C TRP A 326 4.79 23.69 -16.44
N PRO A 327 4.61 23.91 -17.77
CA PRO A 327 3.81 22.98 -18.55
C PRO A 327 4.51 21.63 -18.60
N THR A 328 3.83 20.59 -18.14
CA THR A 328 4.47 19.32 -17.80
C THR A 328 4.82 18.48 -19.04
N ALA A 329 4.22 18.77 -20.19
CA ALA A 329 4.67 18.28 -21.48
C ALA A 329 5.25 19.50 -22.24
N PRO A 330 6.52 19.84 -21.98
CA PRO A 330 6.99 21.21 -22.23
C PRO A 330 7.33 21.60 -23.67
N ALA A 331 7.24 20.69 -24.62
CA ALA A 331 7.53 21.01 -26.01
C ALA A 331 6.73 20.14 -26.96
N PHE A 332 6.53 20.65 -28.16
CA PHE A 332 5.99 19.86 -29.23
C PHE A 332 6.64 20.29 -30.54
N SER A 333 6.67 19.37 -31.50
CA SER A 333 7.41 19.52 -32.76
C SER A 333 6.45 19.66 -33.94
N LEU A 334 6.83 20.51 -34.91
CA LEU A 334 6.06 20.76 -36.13
C LEU A 334 6.97 20.63 -37.36
N TYR A 335 6.35 20.38 -38.51
CA TYR A 335 7.06 20.52 -39.80
C TYR A 335 6.25 21.38 -40.75
N ALA A 336 6.96 22.06 -41.65
CA ALA A 336 6.35 22.91 -42.65
C ALA A 336 5.69 22.05 -43.75
N LYS A 337 4.41 22.32 -44.02
CA LYS A 337 3.67 21.56 -45.03
C LYS A 337 4.07 21.96 -46.42
N GLU A 338 4.49 23.21 -46.58
CA GLU A 338 4.97 23.77 -47.83
C GLU A 338 6.03 24.83 -47.50
N ASP A 339 6.79 25.26 -48.52
CA ASP A 339 7.72 26.39 -48.37
C ASP A 339 6.96 27.58 -47.80
N THR A 340 7.54 28.24 -46.81
CA THR A 340 6.84 29.38 -46.21
C THR A 340 7.86 30.22 -45.50
N VAL A 341 7.46 31.42 -45.12
CA VAL A 341 8.36 32.36 -44.46
C VAL A 341 7.81 32.69 -43.10
N LEU A 342 8.65 32.50 -42.09
CA LEU A 342 8.30 32.69 -40.71
C LEU A 342 8.69 34.09 -40.23
N GLY A 343 7.72 34.85 -39.77
CA GLY A 343 7.97 36.16 -39.17
C GLY A 343 8.46 37.23 -40.13
N GLY A 344 8.26 37.02 -41.43
CA GLY A 344 8.76 37.91 -42.46
C GLY A 344 10.27 37.87 -42.69
N GLU A 345 10.97 36.98 -41.98
CA GLU A 345 12.45 37.00 -41.95
C GLU A 345 13.12 35.65 -42.17
N TYR A 346 12.46 34.55 -41.84
CA TYR A 346 13.13 33.25 -41.83
C TYR A 346 12.44 32.34 -42.82
N PRO A 347 13.04 32.17 -44.01
CA PRO A 347 12.46 31.29 -45.01
C PRO A 347 12.63 29.83 -44.63
N LEU A 348 11.58 29.03 -44.82
CA LEU A 348 11.61 27.62 -44.49
C LEU A 348 11.13 26.86 -45.70
N GLU A 349 11.68 25.66 -45.88
CA GLU A 349 11.28 24.79 -46.96
C GLU A 349 10.38 23.69 -46.43
N LYS A 350 9.55 23.16 -47.32
CA LYS A 350 8.72 22.00 -47.01
C LYS A 350 9.52 20.97 -46.25
N GLY A 351 8.99 20.47 -45.14
CA GLY A 351 9.68 19.47 -44.34
C GLY A 351 10.53 20.01 -43.19
N ASP A 352 10.95 21.27 -43.26
CA ASP A 352 11.73 21.87 -42.16
C ASP A 352 10.98 21.82 -40.83
N GLU A 353 11.72 21.56 -39.77
CA GLU A 353 11.11 21.35 -38.44
C GLU A 353 11.21 22.54 -37.48
N LEU A 354 10.22 22.62 -36.60
CA LEU A 354 10.21 23.56 -35.47
C LEU A 354 9.97 22.83 -34.16
N MET A 355 10.50 23.38 -33.08
CA MET A 355 10.14 22.97 -31.71
C MET A 355 9.50 24.16 -31.02
N VAL A 356 8.33 23.95 -30.43
CA VAL A 356 7.69 25.00 -29.66
C VAL A 356 8.10 24.77 -28.20
N LEU A 357 8.86 25.71 -27.65
CA LEU A 357 9.34 25.64 -26.27
C LEU A 357 8.32 26.32 -25.35
N ILE A 358 7.38 25.53 -24.83
CA ILE A 358 6.18 26.07 -24.19
C ILE A 358 6.49 26.91 -22.94
N PRO A 359 7.43 26.46 -22.08
CA PRO A 359 7.71 27.28 -20.91
C PRO A 359 8.16 28.69 -21.28
N GLN A 360 8.90 28.81 -22.38
CA GLN A 360 9.36 30.14 -22.84
C GLN A 360 8.25 30.98 -23.46
N LEU A 361 7.40 30.36 -24.29
CA LEU A 361 6.18 31.03 -24.77
C LEU A 361 5.43 31.66 -23.59
N HIS A 362 5.33 30.89 -22.52
CA HIS A 362 4.57 31.27 -21.34
C HIS A 362 5.26 32.32 -20.48
N ARG A 363 6.46 32.71 -20.89
CA ARG A 363 7.22 33.75 -20.24
C ARG A 363 7.43 34.93 -21.20
N ASP A 364 6.66 34.98 -22.28
CA ASP A 364 6.76 36.08 -23.25
C ASP A 364 6.25 37.37 -22.63
N LYS A 365 7.17 38.28 -22.35
CA LYS A 365 6.81 39.53 -21.64
C LYS A 365 5.89 40.44 -22.44
N THR A 366 5.89 40.31 -23.76
CA THR A 366 5.02 41.15 -24.57
C THR A 366 3.57 40.74 -24.39
N ILE A 367 3.34 39.50 -23.92
CA ILE A 367 2.01 38.98 -23.69
C ILE A 367 1.65 39.10 -22.20
N TRP A 368 2.57 38.69 -21.34
CA TRP A 368 2.23 38.49 -19.93
C TRP A 368 2.56 39.67 -19.01
N GLY A 369 3.37 40.61 -19.48
CA GLY A 369 3.89 41.68 -18.62
C GLY A 369 5.29 41.32 -18.15
N ASP A 370 5.89 42.18 -17.35
CA ASP A 370 7.26 41.97 -16.90
C ASP A 370 7.40 40.92 -15.81
N ASP A 371 6.37 40.74 -15.00
CA ASP A 371 6.41 39.86 -13.80
C ASP A 371 6.24 38.36 -14.10
N VAL A 372 6.83 37.85 -15.18
CA VAL A 372 6.47 36.52 -15.70
C VAL A 372 6.80 35.34 -14.77
N GLU A 373 7.75 35.55 -13.85
CA GLU A 373 8.14 34.49 -12.92
C GLU A 373 7.22 34.40 -11.72
N GLU A 374 6.36 35.39 -11.53
CA GLU A 374 5.50 35.39 -10.37
C GLU A 374 4.29 34.49 -10.57
N PHE A 375 3.89 33.79 -9.52
CA PHE A 375 2.71 32.95 -9.54
C PHE A 375 1.50 33.80 -9.17
N ARG A 376 0.68 34.13 -10.17
CA ARG A 376 -0.51 34.97 -9.96
C ARG A 376 -1.72 34.39 -10.70
N PRO A 377 -2.53 33.58 -10.01
CA PRO A 377 -3.68 32.95 -10.67
C PRO A 377 -4.65 33.96 -11.30
N GLU A 378 -4.61 35.18 -10.80
CA GLU A 378 -5.49 36.26 -11.25
C GLU A 378 -5.29 36.62 -12.72
N ARG A 379 -4.14 36.28 -13.29
CA ARG A 379 -3.93 36.41 -14.75
C ARG A 379 -5.04 35.73 -15.52
N PHE A 380 -5.62 34.69 -14.93
CA PHE A 380 -6.66 33.87 -15.55
C PHE A 380 -8.09 34.18 -15.08
N GLU A 381 -8.28 35.34 -14.46
CA GLU A 381 -9.60 35.86 -14.10
C GLU A 381 -10.58 35.68 -15.27
N ASN A 382 -10.21 36.18 -16.45
CA ASN A 382 -10.94 35.90 -17.69
C ASN A 382 -9.99 35.23 -18.69
N PRO A 383 -10.09 33.89 -18.82
CA PRO A 383 -9.17 33.19 -19.74
C PRO A 383 -9.29 33.65 -21.20
N SER A 384 -10.46 34.19 -21.57
CA SER A 384 -10.68 34.69 -22.93
C SER A 384 -9.82 35.89 -23.29
N ALA A 385 -9.36 36.62 -22.29
CA ALA A 385 -8.46 37.77 -22.49
C ALA A 385 -7.09 37.39 -23.03
N ILE A 386 -6.73 36.13 -22.90
CA ILE A 386 -5.42 35.69 -23.39
C ILE A 386 -5.42 35.58 -24.91
N PRO A 387 -4.45 36.24 -25.58
CA PRO A 387 -4.42 36.20 -27.04
C PRO A 387 -4.24 34.79 -27.60
N GLN A 388 -4.61 34.61 -28.87
CA GLN A 388 -4.54 33.30 -29.50
C GLN A 388 -3.09 32.81 -29.55
N HIS A 389 -2.91 31.51 -29.27
CA HIS A 389 -1.61 30.85 -29.30
C HIS A 389 -0.58 31.42 -28.30
N ALA A 390 -1.06 32.08 -27.26
CA ALA A 390 -0.21 32.58 -26.19
C ALA A 390 -0.04 31.58 -25.03
N PHE A 391 -1.04 30.73 -24.84
CA PHE A 391 -1.06 29.79 -23.72
C PHE A 391 -1.36 28.41 -24.32
N LYS A 392 -0.37 27.54 -24.39
CA LYS A 392 -0.51 26.30 -25.13
C LYS A 392 -0.02 25.07 -24.37
N PRO A 393 -0.42 24.91 -23.09
CA PRO A 393 0.07 23.73 -22.36
C PRO A 393 -0.49 22.40 -22.88
N PHE A 394 -1.53 22.45 -23.71
CA PHE A 394 -2.14 21.22 -24.27
C PHE A 394 -1.95 21.13 -25.76
N GLY A 395 -0.97 21.89 -26.28
CA GLY A 395 -0.58 21.82 -27.68
C GLY A 395 -1.53 22.58 -28.58
N ASN A 396 -1.61 22.15 -29.83
CA ASN A 396 -2.25 22.94 -30.86
C ASN A 396 -3.20 22.18 -31.79
N GLY A 397 -4.37 22.78 -31.99
CA GLY A 397 -5.28 22.44 -33.10
C GLY A 397 -5.84 21.05 -33.03
N GLN A 398 -5.95 20.38 -34.18
CA GLN A 398 -6.49 19.01 -34.20
C GLN A 398 -5.55 18.02 -33.48
N ARG A 399 -4.28 18.40 -33.32
CA ARG A 399 -3.33 17.57 -32.60
C ARG A 399 -3.13 18.03 -31.16
N ALA A 400 -4.09 18.78 -30.61
CA ALA A 400 -4.05 19.14 -29.21
C ALA A 400 -4.41 17.95 -28.34
N CYS A 401 -4.10 18.10 -27.05
CA CYS A 401 -4.37 17.07 -26.06
C CYS A 401 -5.84 16.68 -26.07
N ILE A 402 -6.11 15.43 -26.37
CA ILE A 402 -7.47 14.92 -26.33
C ILE A 402 -7.95 14.82 -24.86
N GLY A 403 -6.99 14.67 -23.95
CA GLY A 403 -7.28 14.49 -22.53
C GLY A 403 -7.41 15.75 -21.69
N GLN A 404 -7.41 16.92 -22.32
CA GLN A 404 -7.35 18.18 -21.61
C GLN A 404 -8.47 18.34 -20.55
N GLN A 405 -9.71 18.09 -20.96
CA GLN A 405 -10.84 18.21 -20.07
C GLN A 405 -10.80 17.17 -18.94
N PHE A 406 -10.35 15.95 -19.25
CA PHE A 406 -10.19 14.89 -18.25
C PHE A 406 -9.17 15.33 -17.21
N ALA A 407 -8.00 15.74 -17.67
CA ALA A 407 -6.94 16.14 -16.79
C ALA A 407 -7.37 17.30 -15.89
N LEU A 408 -8.02 18.29 -16.46
CA LEU A 408 -8.42 19.49 -15.70
C LEU A 408 -9.55 19.20 -14.71
N HIS A 409 -10.46 18.32 -15.07
CA HIS A 409 -11.54 17.95 -14.14
C HIS A 409 -11.00 17.14 -12.98
N GLU A 410 -10.17 16.15 -13.29
CA GLU A 410 -9.47 15.38 -12.27
C GLU A 410 -8.66 16.29 -11.31
N ALA A 411 -7.81 17.15 -11.86
CA ALA A 411 -6.96 17.99 -11.05
C ALA A 411 -7.75 19.00 -10.20
N THR A 412 -8.84 19.51 -10.74
CA THR A 412 -9.67 20.45 -10.01
C THR A 412 -10.40 19.75 -8.84
N LEU A 413 -10.98 18.60 -9.10
CA LEU A 413 -11.64 17.80 -8.07
C LEU A 413 -10.70 17.47 -6.93
N VAL A 414 -9.54 16.93 -7.28
CA VAL A 414 -8.60 16.48 -6.28
C VAL A 414 -8.03 17.65 -5.49
N LEU A 415 -7.58 18.69 -6.18
CA LEU A 415 -7.01 19.83 -5.50
C LEU A 415 -8.07 20.54 -4.62
N GLY A 416 -9.30 20.64 -5.13
CA GLY A 416 -10.44 21.07 -4.32
C GLY A 416 -10.59 20.27 -3.04
N MET A 417 -10.61 18.94 -3.15
CA MET A 417 -10.75 18.09 -1.97
C MET A 417 -9.58 18.27 -1.00
N MET A 418 -8.36 18.30 -1.54
CA MET A 418 -7.16 18.55 -0.72
C MET A 418 -7.28 19.83 0.08
N LEU A 419 -7.68 20.93 -0.57
CA LEU A 419 -7.78 22.22 0.07
C LEU A 419 -8.94 22.28 1.09
N LYS A 420 -10.00 21.49 0.86
CA LYS A 420 -11.11 21.38 1.81
C LYS A 420 -10.68 20.65 3.07
N HIS A 421 -9.89 19.59 2.92
CA HIS A 421 -9.68 18.63 4.02
C HIS A 421 -8.42 18.86 4.88
N PHE A 422 -7.46 19.64 4.36
CA PHE A 422 -6.15 19.77 5.02
C PHE A 422 -5.59 21.19 5.01
N ASP A 423 -4.80 21.53 6.02
CA ASP A 423 -3.86 22.65 5.95
C ASP A 423 -2.49 22.06 5.58
N PHE A 424 -1.73 22.78 4.78
CA PHE A 424 -0.44 22.28 4.28
C PHE A 424 0.72 23.10 4.84
N GLU A 425 1.84 22.44 5.10
CA GLU A 425 3.03 23.05 5.63
C GLU A 425 4.19 22.61 4.73
N ASP A 426 4.94 23.59 4.26
CA ASP A 426 6.17 23.38 3.54
C ASP A 426 7.27 23.22 4.62
N HIS A 427 7.25 22.08 5.31
CA HIS A 427 8.08 21.86 6.50
C HIS A 427 9.61 21.81 6.28
N THR A 428 10.04 21.52 5.07
CA THR A 428 11.46 21.58 4.74
C THR A 428 11.89 22.87 4.02
N ASN A 429 10.95 23.79 3.76
CA ASN A 429 11.24 24.93 2.89
C ASN A 429 11.89 24.42 1.61
N TYR A 430 11.14 23.58 0.91
CA TYR A 430 11.60 22.86 -0.26
C TYR A 430 12.17 23.79 -1.34
N GLU A 431 13.31 23.41 -1.88
CA GLU A 431 13.95 24.13 -2.98
C GLU A 431 13.60 23.42 -4.27
N LEU A 432 12.98 24.14 -5.19
CA LEU A 432 12.46 23.54 -6.41
C LEU A 432 13.59 22.87 -7.17
N ASP A 433 13.42 21.60 -7.46
CA ASP A 433 14.34 20.82 -8.29
C ASP A 433 13.49 20.05 -9.29
N ILE A 434 13.53 20.48 -10.55
CA ILE A 434 12.66 19.91 -11.58
C ILE A 434 13.36 18.78 -12.32
N LYS A 435 12.84 17.56 -12.12
CA LYS A 435 13.34 16.36 -12.79
C LYS A 435 12.68 16.24 -14.15
N GLU A 436 13.49 15.85 -15.15
CA GLU A 436 13.00 15.73 -16.51
C GLU A 436 13.06 14.29 -16.99
N THR A 437 11.92 13.80 -17.47
CA THR A 437 11.81 12.46 -18.03
C THR A 437 11.01 12.62 -19.27
N LEU A 438 11.49 13.51 -20.13
CA LEU A 438 10.65 14.08 -21.15
C LEU A 438 9.63 15.02 -20.43
N THR A 439 8.70 14.48 -19.62
CA THR A 439 7.83 15.33 -18.76
C THR A 439 8.57 15.92 -17.53
N LEU A 440 7.95 16.92 -16.89
CA LEU A 440 8.53 17.66 -15.77
C LEU A 440 7.82 17.37 -14.45
N LYS A 441 8.61 17.25 -13.39
CA LYS A 441 8.12 17.05 -12.02
C LYS A 441 9.04 17.72 -11.00
N PRO A 442 8.48 18.20 -9.88
CA PRO A 442 9.30 18.66 -8.75
C PRO A 442 9.80 17.52 -7.87
N GLU A 443 10.99 17.03 -8.19
CA GLU A 443 11.58 15.92 -7.44
C GLU A 443 11.84 16.27 -5.98
N GLY A 444 11.52 15.33 -5.12
CA GLY A 444 11.73 15.51 -3.69
C GLY A 444 10.76 16.45 -2.99
N PHE A 445 9.68 16.87 -3.68
CA PHE A 445 8.75 17.81 -3.05
C PHE A 445 7.94 17.10 -1.98
N VAL A 446 8.04 17.60 -0.75
CA VAL A 446 7.36 17.01 0.40
C VAL A 446 6.64 18.08 1.19
N VAL A 447 5.54 17.68 1.82
CA VAL A 447 4.78 18.57 2.70
C VAL A 447 4.27 17.76 3.90
N LYS A 448 3.77 18.47 4.90
CA LYS A 448 2.92 17.87 5.92
C LYS A 448 1.52 18.41 5.75
N ALA A 449 0.55 17.57 6.03
CA ALA A 449 -0.85 17.94 5.88
C ALA A 449 -1.56 17.71 7.19
N LYS A 450 -2.08 18.78 7.78
CA LYS A 450 -2.81 18.68 9.04
C LYS A 450 -4.30 18.69 8.71
N SER A 451 -4.99 17.63 9.08
CA SER A 451 -6.41 17.47 8.81
C SER A 451 -7.24 18.55 9.46
N LYS A 452 -8.22 19.06 8.73
CA LYS A 452 -9.27 19.91 9.29
C LYS A 452 -10.43 19.11 9.91
N LYS A 453 -10.33 17.78 9.85
CA LYS A 453 -11.28 16.85 10.50
C LYS A 453 -12.71 17.03 10.00
N ILE A 454 -12.85 17.01 8.68
CA ILE A 454 -14.12 17.11 8.01
C ILE A 454 -14.45 15.74 7.41
N PRO A 455 -15.55 15.11 7.86
CA PRO A 455 -15.80 13.72 7.43
C PRO A 455 -16.13 13.61 5.94
N LEU A 456 -15.83 12.43 5.38
CA LEU A 456 -16.12 12.09 3.98
C LEU A 456 -17.47 11.38 3.86
N GLU B 5 10.73 -45.99 33.72
CA GLU B 5 11.61 -45.24 32.77
C GLU B 5 10.82 -44.36 31.80
N MET B 6 10.83 -43.05 32.03
CA MET B 6 10.05 -42.12 31.22
C MET B 6 10.45 -42.21 29.74
N PRO B 7 9.47 -42.29 28.83
CA PRO B 7 9.80 -42.25 27.39
C PRO B 7 10.64 -41.04 27.03
N GLN B 8 11.52 -41.18 26.04
CA GLN B 8 12.42 -40.12 25.60
C GLN B 8 12.80 -40.35 24.14
N PRO B 9 12.78 -39.30 23.30
CA PRO B 9 13.10 -39.48 21.88
C PRO B 9 14.57 -39.74 21.66
N LYS B 10 14.93 -39.99 20.41
CA LYS B 10 16.31 -40.34 20.02
C LYS B 10 17.33 -39.25 20.36
N THR B 11 18.59 -39.68 20.56
CA THR B 11 19.66 -38.80 21.04
C THR B 11 20.84 -38.67 20.08
N PHE B 12 21.65 -37.65 20.33
CA PHE B 12 22.76 -37.25 19.47
C PHE B 12 24.04 -37.11 20.32
N GLY B 13 24.46 -38.20 20.94
CA GLY B 13 25.63 -38.21 21.79
C GLY B 13 25.50 -37.24 22.95
N GLU B 14 26.52 -36.43 23.16
CA GLU B 14 26.54 -35.52 24.30
C GLU B 14 25.58 -34.33 24.14
N LEU B 15 25.16 -34.05 22.92
CA LEU B 15 24.10 -33.06 22.67
C LEU B 15 22.68 -33.54 23.06
N LYS B 16 22.56 -34.81 23.42
CA LYS B 16 21.32 -35.41 23.91
C LYS B 16 20.19 -35.22 22.90
N ASN B 17 19.08 -34.60 23.29
CA ASN B 17 17.94 -34.39 22.38
C ASN B 17 17.95 -33.06 21.64
N LEU B 18 18.91 -32.20 21.95
CA LEU B 18 18.92 -30.85 21.41
C LEU B 18 18.74 -30.75 19.89
N PRO B 19 19.54 -31.51 19.12
CA PRO B 19 19.45 -31.34 17.65
C PRO B 19 18.08 -31.66 17.06
N LEU B 20 17.20 -32.31 17.82
CA LEU B 20 15.79 -32.48 17.40
C LEU B 20 15.05 -31.15 17.18
N LEU B 21 15.52 -30.06 17.78
CA LEU B 21 14.94 -28.73 17.58
C LEU B 21 15.67 -27.92 16.53
N ASN B 22 16.73 -28.49 15.93
CA ASN B 22 17.42 -27.88 14.81
C ASN B 22 16.63 -28.15 13.53
N THR B 23 15.44 -27.55 13.48
CA THR B 23 14.51 -27.70 12.38
C THR B 23 13.70 -26.41 12.28
N ASP B 24 13.15 -26.16 11.09
CA ASP B 24 12.27 -25.01 10.89
C ASP B 24 10.91 -25.21 11.54
N LYS B 25 10.54 -26.47 11.82
CA LYS B 25 9.23 -26.82 12.37
C LYS B 25 9.33 -27.64 13.69
N PRO B 26 9.84 -27.01 14.77
CA PRO B 26 10.12 -27.75 16.00
C PRO B 26 8.85 -28.24 16.72
N VAL B 27 7.78 -27.44 16.72
CA VAL B 27 6.54 -27.88 17.40
C VAL B 27 5.90 -29.07 16.68
N GLN B 28 5.85 -29.02 15.35
CA GLN B 28 5.33 -30.14 14.58
C GLN B 28 6.18 -31.40 14.76
N ALA B 29 7.50 -31.22 14.85
CA ALA B 29 8.39 -32.34 15.21
C ALA B 29 8.06 -32.92 16.62
N LEU B 30 7.89 -32.05 17.60
CA LEU B 30 7.52 -32.48 18.96
C LEU B 30 6.15 -33.20 18.98
N MET B 31 5.21 -32.77 18.14
CA MET B 31 3.92 -33.43 18.03
C MET B 31 4.07 -34.87 17.51
N LYS B 32 4.91 -35.06 16.50
CA LYS B 32 5.16 -36.42 15.98
C LYS B 32 5.82 -37.28 17.07
N ILE B 33 6.75 -36.69 17.81
CA ILE B 33 7.36 -37.43 18.93
C ILE B 33 6.29 -37.80 19.95
N ALA B 34 5.42 -36.86 20.30
CA ALA B 34 4.33 -37.17 21.22
C ALA B 34 3.42 -38.30 20.72
N ASP B 35 3.08 -38.33 19.42
CA ASP B 35 2.29 -39.44 18.88
C ASP B 35 3.01 -40.79 19.05
N GLU B 36 4.32 -40.82 18.89
CA GLU B 36 5.10 -42.06 19.09
C GLU B 36 5.22 -42.46 20.55
N LEU B 37 5.44 -41.49 21.43
CA LEU B 37 5.82 -41.77 22.82
C LEU B 37 4.70 -41.65 23.83
N GLY B 38 3.62 -40.96 23.48
CA GLY B 38 2.49 -40.86 24.38
C GLY B 38 2.43 -39.58 25.20
N GLU B 39 1.75 -39.66 26.35
CA GLU B 39 1.33 -38.48 27.10
C GLU B 39 2.46 -37.70 27.76
N ILE B 40 3.64 -38.31 27.83
CA ILE B 40 4.76 -37.67 28.48
C ILE B 40 6.06 -38.22 27.96
N PHE B 41 6.99 -37.31 27.66
CA PHE B 41 8.36 -37.69 27.37
C PHE B 41 9.33 -36.65 27.88
N LYS B 42 10.51 -37.14 28.25
CA LYS B 42 11.58 -36.30 28.71
C LYS B 42 12.36 -35.82 27.51
N PHE B 43 12.88 -34.60 27.61
CA PHE B 43 13.65 -34.01 26.56
C PHE B 43 14.86 -33.37 27.23
N GLU B 44 16.04 -33.88 26.91
CA GLU B 44 17.28 -33.40 27.50
C GLU B 44 18.12 -32.59 26.54
N ALA B 45 18.71 -31.52 27.04
CA ALA B 45 19.78 -30.81 26.34
C ALA B 45 20.97 -30.72 27.32
N PRO B 46 22.14 -30.24 26.85
CA PRO B 46 23.24 -30.06 27.80
C PRO B 46 22.88 -29.04 28.88
N GLY B 47 22.84 -29.48 30.13
CA GLY B 47 22.50 -28.61 31.25
C GLY B 47 21.03 -28.27 31.41
N ARG B 48 20.15 -28.96 30.67
CA ARG B 48 18.71 -28.67 30.69
C ARG B 48 17.86 -29.93 30.50
N VAL B 49 16.76 -30.00 31.26
CA VAL B 49 15.77 -31.05 31.10
C VAL B 49 14.35 -30.47 31.16
N THR B 50 13.47 -30.98 30.31
CA THR B 50 12.04 -30.70 30.47
C THR B 50 11.23 -31.93 30.09
N ARG B 51 9.95 -31.90 30.46
CA ARG B 51 9.04 -33.00 30.18
C ARG B 51 7.85 -32.47 29.41
N TYR B 52 7.58 -33.04 28.24
CA TYR B 52 6.49 -32.59 27.39
C TYR B 52 5.24 -33.36 27.73
N LEU B 53 4.18 -32.62 28.04
CA LEU B 53 2.89 -33.22 28.38
C LEU B 53 1.88 -33.06 27.25
N SER B 54 1.14 -34.14 26.97
CA SER B 54 0.22 -34.19 25.84
C SER B 54 -1.21 -34.59 26.18
N SER B 55 -1.42 -35.14 27.38
CA SER B 55 -2.73 -35.68 27.74
C SER B 55 -3.48 -34.76 28.68
N GLN B 56 -4.80 -34.73 28.57
CA GLN B 56 -5.59 -33.94 29.50
C GLN B 56 -5.41 -34.41 30.94
N ARG B 57 -5.19 -35.69 31.18
CA ARG B 57 -5.08 -36.15 32.56
C ARG B 57 -3.81 -35.58 33.28
N LEU B 58 -2.67 -35.52 32.59
CA LEU B 58 -1.49 -34.89 33.18
C LEU B 58 -1.56 -33.37 33.12
N ILE B 59 -2.05 -32.82 32.01
CA ILE B 59 -2.09 -31.37 31.84
C ILE B 59 -3.03 -30.72 32.87
N LYS B 60 -4.12 -31.38 33.20
CA LYS B 60 -5.01 -30.84 34.23
C LYS B 60 -4.28 -30.70 35.59
N GLU B 61 -3.37 -31.62 35.91
CA GLU B 61 -2.58 -31.49 37.15
C GLU B 61 -1.56 -30.35 37.04
N ALA B 62 -0.92 -30.26 35.89
CA ALA B 62 0.06 -29.20 35.62
C ALA B 62 -0.57 -27.82 35.76
N CYS B 63 -1.88 -27.75 35.53
CA CYS B 63 -2.61 -26.49 35.55
C CYS B 63 -3.08 -26.09 36.96
N ASP B 64 -2.79 -26.94 37.94
CA ASP B 64 -3.02 -26.64 39.35
C ASP B 64 -2.03 -25.59 39.80
N GLU B 65 -2.52 -24.38 39.99
CA GLU B 65 -1.67 -23.26 40.33
C GLU B 65 -1.01 -23.35 41.71
N SER B 66 -1.50 -24.22 42.57
CA SER B 66 -0.87 -24.44 43.88
C SER B 66 0.37 -25.31 43.75
N ARG B 67 0.51 -26.02 42.63
CA ARG B 67 1.62 -26.95 42.42
C ARG B 67 2.62 -26.48 41.37
N PHE B 68 2.14 -25.72 40.38
CA PHE B 68 3.00 -25.26 39.28
C PHE B 68 2.70 -23.81 38.90
N ASP B 69 3.72 -23.09 38.47
CA ASP B 69 3.63 -21.68 38.08
C ASP B 69 4.24 -21.57 36.68
N LYS B 70 3.98 -20.45 36.01
CA LYS B 70 4.53 -20.25 34.68
C LYS B 70 6.05 -20.18 34.72
N ASN B 71 6.68 -20.85 33.77
CA ASN B 71 8.11 -20.78 33.55
C ASN B 71 8.40 -20.00 32.28
N LEU B 72 9.52 -19.30 32.25
CA LEU B 72 9.99 -18.73 31.01
C LEU B 72 10.85 -19.80 30.33
N SER B 73 10.30 -20.38 29.28
CA SER B 73 11.05 -21.28 28.40
C SER B 73 12.24 -20.52 27.86
N GLN B 74 13.18 -21.25 27.28
CA GLN B 74 14.35 -20.60 26.69
C GLN B 74 13.97 -19.53 25.66
N ALA B 75 12.96 -19.82 24.86
CA ALA B 75 12.47 -18.88 23.86
C ALA B 75 12.01 -17.58 24.51
N LEU B 76 11.20 -17.68 25.55
CA LEU B 76 10.74 -16.48 26.25
C LEU B 76 11.87 -15.69 26.90
N LYS B 77 12.87 -16.36 27.45
CA LYS B 77 14.02 -15.66 28.02
C LYS B 77 14.72 -14.80 26.95
N PHE B 78 14.81 -15.29 25.73
CA PHE B 78 15.37 -14.49 24.63
C PHE B 78 14.45 -13.37 24.21
N VAL B 79 13.15 -13.63 24.15
CA VAL B 79 12.20 -12.57 23.81
C VAL B 79 12.23 -11.48 24.88
N ARG B 80 12.46 -11.88 26.13
CA ARG B 80 12.61 -10.94 27.23
C ARG B 80 13.68 -9.85 26.99
N ASP B 81 14.67 -10.15 26.16
CA ASP B 81 15.66 -9.12 25.78
C ASP B 81 15.05 -7.89 25.12
N PHE B 82 13.88 -8.01 24.50
CA PHE B 82 13.15 -6.83 24.01
C PHE B 82 11.76 -6.58 24.65
N ALA B 83 11.17 -7.62 25.23
CA ALA B 83 9.85 -7.48 25.85
C ALA B 83 9.95 -7.28 27.36
N GLY B 84 11.16 -7.48 27.93
CA GLY B 84 11.46 -7.10 29.30
C GLY B 84 10.57 -7.73 30.37
N ASP B 85 10.15 -6.94 31.36
CA ASP B 85 9.21 -7.44 32.37
C ASP B 85 7.78 -7.00 32.07
N GLY B 86 7.46 -6.94 30.78
CA GLY B 86 6.07 -6.93 30.31
C GLY B 86 5.31 -8.18 30.76
N LEU B 87 4.00 -8.18 30.59
CA LEU B 87 3.16 -9.26 31.14
C LEU B 87 3.57 -10.66 30.67
N PHE B 88 4.00 -10.76 29.42
CA PHE B 88 4.20 -12.05 28.78
C PHE B 88 5.50 -12.71 29.18
N THR B 89 6.50 -11.90 29.48
CA THR B 89 7.85 -12.38 29.76
C THR B 89 8.31 -12.07 31.17
N SER B 90 7.39 -11.80 32.08
CA SER B 90 7.73 -11.60 33.48
C SER B 90 7.38 -12.84 34.28
N TRP B 91 8.08 -13.01 35.39
CA TRP B 91 7.77 -14.08 36.32
C TRP B 91 6.62 -13.60 37.20
N THR B 92 5.82 -14.54 37.66
CA THR B 92 4.64 -14.23 38.48
C THR B 92 5.00 -13.49 39.77
N HIS B 93 6.14 -13.85 40.35
CA HIS B 93 6.62 -13.26 41.60
C HIS B 93 7.33 -11.89 41.43
N GLU B 94 7.55 -11.42 40.20
CA GLU B 94 8.09 -10.08 39.99
C GLU B 94 6.98 -9.08 40.23
N LYS B 95 7.32 -8.03 40.97
CA LYS B 95 6.36 -7.00 41.35
C LYS B 95 5.60 -6.44 40.15
N ASN B 96 6.29 -6.23 39.04
CA ASN B 96 5.65 -5.65 37.87
C ASN B 96 4.62 -6.55 37.15
N TRP B 97 4.62 -7.86 37.40
CA TRP B 97 3.62 -8.72 36.79
C TRP B 97 2.25 -8.38 37.36
N LYS B 98 2.12 -8.52 38.67
CA LYS B 98 0.81 -8.37 39.33
C LYS B 98 0.31 -6.94 39.22
N LYS B 99 1.24 -6.01 39.30
CA LYS B 99 0.96 -4.60 39.14
C LYS B 99 0.33 -4.32 37.77
N ALA B 100 0.99 -4.76 36.70
CA ALA B 100 0.49 -4.54 35.35
C ALA B 100 -0.79 -5.33 35.08
N HIS B 101 -0.88 -6.53 35.63
CA HIS B 101 -2.04 -7.38 35.50
C HIS B 101 -3.27 -6.70 36.10
N ASN B 102 -3.12 -6.19 37.31
CA ASN B 102 -4.23 -5.49 37.99
C ASN B 102 -4.65 -4.24 37.24
N ILE B 103 -3.67 -3.48 36.76
CA ILE B 103 -3.93 -2.25 36.03
C ILE B 103 -4.62 -2.57 34.70
N LEU B 104 -4.15 -3.58 33.98
CA LEU B 104 -4.62 -3.80 32.60
C LEU B 104 -5.83 -4.69 32.45
N LEU B 105 -6.12 -5.54 33.44
CA LEU B 105 -7.23 -6.49 33.33
C LEU B 105 -8.55 -5.81 32.91
N PRO B 106 -8.92 -4.69 33.57
CA PRO B 106 -10.22 -4.10 33.18
C PRO B 106 -10.23 -3.48 31.76
N SER B 107 -9.06 -3.14 31.23
CA SER B 107 -8.94 -2.68 29.83
C SER B 107 -9.04 -3.79 28.78
N PHE B 108 -9.06 -5.05 29.22
CA PHE B 108 -9.10 -6.20 28.30
C PHE B 108 -10.36 -7.04 28.50
N SER B 109 -11.32 -6.49 29.24
CA SER B 109 -12.51 -7.21 29.60
C SER B 109 -13.43 -7.25 28.41
N GLN B 110 -14.35 -8.20 28.45
CA GLN B 110 -15.43 -8.22 27.49
C GLN B 110 -16.11 -6.84 27.40
N GLN B 111 -16.38 -6.20 28.53
CA GLN B 111 -17.09 -4.91 28.50
C GLN B 111 -16.25 -3.85 27.81
N ALA B 112 -14.93 -3.89 28.00
CA ALA B 112 -14.00 -2.95 27.35
C ALA B 112 -14.02 -3.05 25.83
N MET B 113 -14.41 -4.21 25.30
CA MET B 113 -14.46 -4.41 23.85
C MET B 113 -15.44 -3.47 23.17
N LYS B 114 -16.51 -3.08 23.87
CA LYS B 114 -17.48 -2.10 23.34
C LYS B 114 -16.76 -0.82 22.90
N GLY B 115 -15.75 -0.44 23.66
CA GLY B 115 -14.98 0.77 23.42
C GLY B 115 -14.00 0.65 22.27
N TYR B 116 -13.40 -0.54 22.09
CA TYR B 116 -12.47 -0.79 20.99
C TYR B 116 -13.16 -1.07 19.66
N HIS B 117 -14.44 -1.46 19.72
CA HIS B 117 -15.14 -1.96 18.55
C HIS B 117 -15.02 -1.05 17.32
N ALA B 118 -15.21 0.25 17.51
CA ALA B 118 -15.24 1.17 16.39
C ALA B 118 -13.90 1.20 15.63
N MET B 119 -12.80 1.17 16.37
N MET B 119 -12.78 1.17 16.34
CA MET B 119 -11.45 1.15 15.78
CA MET B 119 -11.49 1.17 15.66
C MET B 119 -11.15 -0.18 15.08
C MET B 119 -11.14 -0.19 15.05
N MET B 120 -11.66 -1.28 15.62
CA MET B 120 -11.55 -2.60 14.97
C MET B 120 -12.29 -2.57 13.64
N VAL B 121 -13.47 -1.97 13.62
CA VAL B 121 -14.26 -1.84 12.39
C VAL B 121 -13.49 -1.03 11.33
N ASP B 122 -12.84 0.06 11.75
CA ASP B 122 -12.02 0.92 10.87
C ASP B 122 -11.03 0.07 10.07
N ILE B 123 -10.25 -0.77 10.74
CA ILE B 123 -9.27 -1.62 10.05
C ILE B 123 -9.94 -2.75 9.27
N ALA B 124 -11.01 -3.31 9.83
CA ALA B 124 -11.71 -4.41 9.14
C ALA B 124 -12.23 -3.93 7.78
N VAL B 125 -12.82 -2.74 7.77
CA VAL B 125 -13.33 -2.13 6.55
C VAL B 125 -12.21 -1.91 5.53
N GLN B 126 -11.04 -1.51 6.00
CA GLN B 126 -9.87 -1.41 5.12
C GLN B 126 -9.53 -2.75 4.45
N LEU B 127 -9.57 -3.84 5.21
CA LEU B 127 -9.40 -5.18 4.64
C LEU B 127 -10.45 -5.50 3.56
N VAL B 128 -11.71 -5.24 3.87
CA VAL B 128 -12.80 -5.57 2.95
C VAL B 128 -12.68 -4.73 1.68
N GLN B 129 -12.39 -3.43 1.84
CA GLN B 129 -12.22 -2.56 0.66
C GLN B 129 -11.06 -3.04 -0.21
N LYS B 130 -9.96 -3.45 0.42
CA LYS B 130 -8.84 -3.98 -0.33
C LYS B 130 -9.28 -5.15 -1.24
N TRP B 131 -10.04 -6.08 -0.69
CA TRP B 131 -10.45 -7.26 -1.44
C TRP B 131 -11.52 -6.92 -2.48
N GLU B 132 -12.43 -5.99 -2.15
CA GLU B 132 -13.42 -5.51 -3.11
C GLU B 132 -12.72 -4.90 -4.31
N ARG B 133 -11.52 -4.37 -4.11
CA ARG B 133 -10.86 -3.60 -5.15
C ARG B 133 -9.89 -4.43 -6.00
N LEU B 134 -9.75 -5.71 -5.69
CA LEU B 134 -8.93 -6.56 -6.51
C LEU B 134 -9.62 -6.80 -7.86
N ASN B 135 -8.81 -6.93 -8.90
CA ASN B 135 -9.27 -7.30 -10.21
C ASN B 135 -9.58 -8.80 -10.26
N ALA B 136 -10.36 -9.19 -11.25
CA ALA B 136 -10.84 -10.56 -11.39
C ALA B 136 -9.72 -11.60 -11.44
N ASP B 137 -8.61 -11.29 -12.08
CA ASP B 137 -7.54 -12.26 -12.22
C ASP B 137 -6.71 -12.47 -10.91
N GLU B 138 -6.92 -11.63 -9.91
CA GLU B 138 -6.01 -11.55 -8.78
C GLU B 138 -6.43 -12.45 -7.61
N HIS B 139 -5.49 -12.72 -6.71
CA HIS B 139 -5.77 -13.54 -5.56
C HIS B 139 -5.32 -12.83 -4.30
N ILE B 140 -5.60 -13.44 -3.15
CA ILE B 140 -5.33 -12.88 -1.85
C ILE B 140 -4.24 -13.69 -1.16
N GLU B 141 -3.25 -13.00 -0.60
CA GLU B 141 -2.21 -13.64 0.19
C GLU B 141 -2.67 -13.59 1.66
N VAL B 142 -3.23 -14.70 2.15
CA VAL B 142 -4.01 -14.69 3.39
C VAL B 142 -3.27 -14.28 4.68
N PRO B 143 -2.23 -15.02 5.10
CA PRO B 143 -1.56 -14.62 6.36
C PRO B 143 -0.95 -13.21 6.28
N GLU B 144 -0.55 -12.81 5.08
CA GLU B 144 0.00 -11.47 4.87
C GLU B 144 -1.04 -10.41 5.15
N ASP B 145 -2.24 -10.57 4.58
CA ASP B 145 -3.31 -9.61 4.82
C ASP B 145 -3.87 -9.68 6.25
N MET B 146 -3.97 -10.87 6.83
CA MET B 146 -4.44 -10.98 8.22
C MET B 146 -3.48 -10.28 9.19
N THR B 147 -2.18 -10.37 8.91
CA THR B 147 -1.17 -9.73 9.72
C THR B 147 -1.22 -8.22 9.58
N ARG B 148 -1.48 -7.73 8.38
CA ARG B 148 -1.73 -6.30 8.16
C ARG B 148 -2.88 -5.84 9.04
N LEU B 149 -3.96 -6.61 9.01
CA LEU B 149 -5.11 -6.27 9.81
C LEU B 149 -4.83 -6.31 11.33
N THR B 150 -4.27 -7.42 11.82
CA THR B 150 -4.18 -7.62 13.27
C THR B 150 -3.19 -6.66 13.89
N LEU B 151 -2.07 -6.43 13.21
CA LEU B 151 -1.09 -5.46 13.67
C LEU B 151 -1.72 -4.05 13.70
N ASP B 152 -2.39 -3.66 12.64
CA ASP B 152 -2.99 -2.33 12.61
C ASP B 152 -4.05 -2.16 13.69
N THR B 153 -4.81 -3.22 13.94
CA THR B 153 -5.89 -3.13 14.93
C THR B 153 -5.31 -2.88 16.32
N ILE B 154 -4.28 -3.63 16.69
CA ILE B 154 -3.73 -3.46 18.02
C ILE B 154 -3.00 -2.11 18.11
N GLY B 155 -2.33 -1.69 17.04
CA GLY B 155 -1.73 -0.35 16.97
C GLY B 155 -2.75 0.75 17.23
N LEU B 156 -3.89 0.67 16.57
CA LEU B 156 -4.88 1.72 16.64
C LEU B 156 -5.65 1.66 17.94
N CYS B 157 -6.15 0.47 18.26
CA CYS B 157 -6.95 0.28 19.44
C CYS B 157 -6.18 0.58 20.67
N GLY B 158 -4.92 0.14 20.72
CA GLY B 158 -4.16 0.22 21.94
C GLY B 158 -3.33 1.47 22.18
N PHE B 159 -2.97 2.11 21.08
N PHE B 159 -2.89 2.15 21.13
CA PHE B 159 -1.81 2.99 20.93
CA PHE B 159 -2.03 3.33 21.31
C PHE B 159 -2.21 4.29 20.18
C PHE B 159 -2.30 4.43 20.29
N ASN B 160 -3.45 4.35 19.65
CA ASN B 160 -3.87 5.36 18.67
C ASN B 160 -2.83 5.66 17.61
N TYR B 161 -2.19 4.62 17.14
CA TYR B 161 -1.11 4.75 16.17
C TYR B 161 -1.46 3.92 14.95
N ARG B 162 -1.31 4.54 13.79
CA ARG B 162 -1.64 3.90 12.52
C ARG B 162 -0.38 3.42 11.83
N PHE B 163 -0.21 2.09 11.81
CA PHE B 163 0.86 1.50 11.03
C PHE B 163 0.56 1.54 9.52
N ASN B 164 -0.70 1.76 9.14
CA ASN B 164 -1.08 1.88 7.73
C ASN B 164 -0.51 0.75 6.84
N SER B 165 -0.67 -0.48 7.33
CA SER B 165 -0.11 -1.65 6.68
C SER B 165 -0.77 -1.95 5.31
N PHE B 166 -2.04 -1.57 5.14
CA PHE B 166 -2.71 -1.75 3.85
C PHE B 166 -2.22 -0.75 2.80
N TYR B 167 -1.41 0.23 3.20
CA TYR B 167 -0.81 1.20 2.27
C TYR B 167 0.59 0.79 1.81
N ARG B 168 1.01 -0.41 2.19
CA ARG B 168 2.39 -0.85 2.03
C ARG B 168 2.55 -2.25 1.48
N ASP B 169 3.72 -2.49 0.89
CA ASP B 169 4.27 -3.84 0.68
C ASP B 169 5.36 -4.06 1.74
N GLN B 170 6.32 -3.14 1.80
CA GLN B 170 7.33 -3.12 2.87
C GLN B 170 6.69 -2.64 4.18
N PRO B 171 6.73 -3.47 5.24
CA PRO B 171 6.09 -3.03 6.47
C PRO B 171 6.85 -1.92 7.20
N HIS B 172 6.13 -1.24 8.10
CA HIS B 172 6.69 -0.21 8.98
C HIS B 172 8.07 -0.65 9.55
N PRO B 173 9.05 0.27 9.59
CA PRO B 173 10.37 -0.02 10.18
C PRO B 173 10.32 -0.69 11.56
N PHE B 174 9.35 -0.29 12.39
CA PHE B 174 9.12 -0.96 13.67
C PHE B 174 8.85 -2.45 13.51
N ILE B 175 7.95 -2.79 12.59
CA ILE B 175 7.56 -4.18 12.35
C ILE B 175 8.75 -4.95 11.78
N THR B 176 9.47 -4.31 10.86
CA THR B 176 10.66 -4.93 10.30
C THR B 176 11.61 -5.39 11.41
N SER B 177 11.96 -4.47 12.31
CA SER B 177 12.85 -4.75 13.40
C SER B 177 12.30 -5.83 14.34
N MET B 178 11.00 -5.75 14.63
CA MET B 178 10.37 -6.68 15.58
C MET B 178 10.38 -8.11 15.04
N VAL B 179 10.06 -8.28 13.76
CA VAL B 179 10.06 -9.60 13.13
C VAL B 179 11.48 -10.15 13.16
N ARG B 180 12.45 -9.30 12.80
CA ARG B 180 13.85 -9.73 12.77
C ARG B 180 14.34 -10.04 14.19
N ALA B 181 13.87 -9.27 15.17
CA ALA B 181 14.18 -9.51 16.58
C ALA B 181 13.66 -10.87 17.04
N LEU B 182 12.39 -11.13 16.76
CA LEU B 182 11.79 -12.45 17.02
C LEU B 182 12.53 -13.58 16.34
N ASP B 183 12.83 -13.42 15.06
CA ASP B 183 13.54 -14.47 14.32
C ASP B 183 14.87 -14.81 15.01
N GLU B 184 15.62 -13.77 15.37
CA GLU B 184 16.90 -13.96 16.07
C GLU B 184 16.71 -14.72 17.37
N ALA B 185 15.67 -14.37 18.13
CA ALA B 185 15.38 -15.06 19.40
C ALA B 185 15.22 -16.56 19.19
N MET B 186 14.48 -16.95 18.16
CA MET B 186 14.28 -18.36 17.83
C MET B 186 15.59 -19.02 17.35
N ASN B 187 16.40 -18.29 16.59
CA ASN B 187 17.64 -18.86 16.04
C ASN B 187 18.68 -19.19 17.11
N LYS B 188 18.70 -18.42 18.21
CA LYS B 188 19.56 -18.75 19.35
C LYS B 188 19.27 -20.13 19.95
N LEU B 189 18.04 -20.63 19.80
CA LEU B 189 17.63 -21.90 20.41
C LEU B 189 18.32 -23.11 19.82
N GLN B 190 18.59 -23.07 18.51
CA GLN B 190 19.08 -24.23 17.77
C GLN B 190 20.57 -24.20 17.44
N ARG B 191 21.16 -23.01 17.44
CA ARG B 191 22.59 -22.84 17.15
C ARG B 191 23.47 -23.30 18.33
N ALA B 192 24.37 -24.24 18.07
CA ALA B 192 25.34 -24.69 19.08
C ALA B 192 26.48 -23.69 19.18
N ASN B 193 27.01 -23.51 20.39
CA ASN B 193 28.07 -22.54 20.67
C ASN B 193 27.70 -21.12 20.21
N PRO B 194 26.83 -20.43 20.98
CA PRO B 194 26.41 -19.05 20.68
C PRO B 194 27.49 -17.97 20.80
N ASP B 195 28.64 -18.29 21.39
CA ASP B 195 29.71 -17.30 21.57
C ASP B 195 30.54 -17.08 20.30
N ASP B 196 30.43 -18.02 19.34
CA ASP B 196 31.17 -17.96 18.07
C ASP B 196 31.04 -16.59 17.37
N PRO B 197 32.18 -15.88 17.18
CA PRO B 197 32.21 -14.56 16.50
C PRO B 197 31.63 -14.49 15.07
N ALA B 198 31.24 -15.62 14.49
CA ALA B 198 30.47 -15.62 13.24
C ALA B 198 29.08 -14.98 13.42
N TYR B 199 28.61 -14.94 14.66
CA TYR B 199 27.33 -14.32 15.00
C TYR B 199 27.48 -12.88 15.52
N ASP B 200 28.65 -12.28 15.34
CA ASP B 200 28.86 -10.85 15.62
C ASP B 200 27.85 -9.97 14.88
N GLU B 201 27.53 -10.36 13.65
CA GLU B 201 26.60 -9.60 12.82
C GLU B 201 25.17 -9.71 13.38
N ASN B 202 24.76 -10.92 13.71
CA ASN B 202 23.44 -11.16 14.30
C ASN B 202 23.22 -10.32 15.55
N LYS B 203 24.22 -10.31 16.44
CA LYS B 203 24.20 -9.45 17.63
C LYS B 203 24.02 -7.98 17.27
N ARG B 204 24.81 -7.51 16.30
CA ARG B 204 24.79 -6.10 15.89
C ARG B 204 23.38 -5.67 15.46
N GLN B 205 22.75 -6.53 14.66
CA GLN B 205 21.42 -6.27 14.13
C GLN B 205 20.37 -6.27 15.25
N PHE B 206 20.47 -7.27 16.13
CA PHE B 206 19.58 -7.43 17.28
C PHE B 206 19.51 -6.10 18.04
N GLN B 207 20.67 -5.57 18.42
CA GLN B 207 20.70 -4.34 19.21
C GLN B 207 20.10 -3.15 18.45
N GLU B 208 20.37 -3.07 17.15
CA GLU B 208 19.77 -2.03 16.31
C GLU B 208 18.23 -2.13 16.33
N ASP B 209 17.73 -3.36 16.25
CA ASP B 209 16.28 -3.60 16.22
C ASP B 209 15.63 -3.26 17.57
N ILE B 210 16.26 -3.70 18.65
CA ILE B 210 15.79 -3.33 19.99
C ILE B 210 15.71 -1.81 20.11
N LYS B 211 16.69 -1.10 19.55
CA LYS B 211 16.71 0.35 19.62
C LYS B 211 15.55 0.97 18.85
N VAL B 212 15.31 0.50 17.62
CA VAL B 212 14.23 1.01 16.80
C VAL B 212 12.88 0.85 17.52
N MET B 213 12.66 -0.33 18.09
CA MET B 213 11.42 -0.59 18.82
C MET B 213 11.27 0.39 19.98
N ASN B 214 12.29 0.49 20.81
CA ASN B 214 12.25 1.35 21.98
C ASN B 214 12.06 2.83 21.68
N ASP B 215 12.74 3.33 20.64
CA ASP B 215 12.71 4.75 20.30
C ASP B 215 11.33 5.16 19.77
N LEU B 216 10.76 4.35 18.89
CA LEU B 216 9.42 4.61 18.40
C LEU B 216 8.45 4.66 19.57
N VAL B 217 8.40 3.57 20.34
CA VAL B 217 7.45 3.43 21.45
C VAL B 217 7.65 4.53 22.51
N ASP B 218 8.90 4.77 22.91
CA ASP B 218 9.19 5.84 23.89
C ASP B 218 8.73 7.21 23.38
N LYS B 219 8.94 7.45 22.08
CA LYS B 219 8.45 8.67 21.44
C LYS B 219 6.94 8.78 21.55
N ILE B 220 6.20 7.74 21.16
CA ILE B 220 4.75 7.81 21.28
C ILE B 220 4.35 8.08 22.73
N ILE B 221 5.00 7.41 23.68
CA ILE B 221 4.65 7.60 25.09
C ILE B 221 4.92 9.05 25.51
N ALA B 222 6.11 9.55 25.17
CA ALA B 222 6.48 10.94 25.44
C ALA B 222 5.53 11.95 24.77
N ASP B 223 5.14 11.69 23.52
CA ASP B 223 4.20 12.57 22.80
C ASP B 223 2.81 12.62 23.44
N ARG B 224 2.31 11.48 23.87
CA ARG B 224 1.01 11.44 24.55
C ARG B 224 1.09 12.16 25.89
N LYS B 225 2.20 12.00 26.61
CA LYS B 225 2.45 12.76 27.84
C LYS B 225 2.51 14.25 27.53
N ALA B 226 3.36 14.61 26.58
CA ALA B 226 3.56 16.01 26.17
C ALA B 226 2.24 16.67 25.73
N SER B 227 1.47 15.99 24.87
CA SER B 227 0.19 16.54 24.41
C SER B 227 -0.86 16.49 25.53
N GLY B 228 -0.89 15.38 26.26
CA GLY B 228 -1.89 15.16 27.31
C GLY B 228 -3.29 14.86 26.81
N GLU B 229 -3.42 14.45 25.55
CA GLU B 229 -4.73 14.12 24.98
C GLU B 229 -5.24 12.77 25.49
N GLN B 230 -6.56 12.60 25.50
CA GLN B 230 -7.19 11.36 25.97
C GLN B 230 -7.83 10.61 24.81
N SER B 231 -7.50 9.33 24.69
CA SER B 231 -8.08 8.47 23.67
C SER B 231 -8.75 7.28 24.35
N ASP B 232 -9.44 6.47 23.56
CA ASP B 232 -10.07 5.25 24.07
C ASP B 232 -9.11 4.07 23.83
N ASP B 233 -7.94 4.14 24.47
CA ASP B 233 -6.86 3.19 24.21
C ASP B 233 -6.04 2.77 25.45
N LEU B 234 -5.27 1.70 25.26
CA LEU B 234 -4.48 1.11 26.33
C LEU B 234 -3.42 2.04 26.88
N LEU B 235 -2.85 2.88 26.03
CA LEU B 235 -1.77 3.75 26.47
C LEU B 235 -2.31 4.76 27.48
N THR B 236 -3.46 5.33 27.19
CA THR B 236 -4.13 6.25 28.11
C THR B 236 -4.29 5.59 29.47
N HIS B 237 -4.87 4.39 29.48
N HIS B 237 -4.84 4.38 29.47
CA HIS B 237 -5.14 3.64 30.70
CA HIS B 237 -5.13 3.66 30.70
C HIS B 237 -3.88 3.40 31.51
C HIS B 237 -3.88 3.39 31.51
N MET B 238 -2.76 3.15 30.82
CA MET B 238 -1.48 2.89 31.47
C MET B 238 -0.80 4.12 32.05
N LEU B 239 -0.95 5.28 31.39
CA LEU B 239 -0.42 6.54 31.93
C LEU B 239 -1.24 7.04 33.12
N ASN B 240 -2.55 6.91 33.07
CA ASN B 240 -3.43 7.35 34.16
C ASN B 240 -3.61 6.34 35.31
N GLY B 241 -3.46 5.05 35.02
CA GLY B 241 -3.91 4.00 35.92
C GLY B 241 -2.99 3.68 37.08
N LYS B 242 -3.60 3.34 38.21
CA LYS B 242 -2.86 2.90 39.40
C LYS B 242 -3.31 1.49 39.76
N ASP B 243 -2.37 0.66 40.16
CA ASP B 243 -2.68 -0.68 40.65
C ASP B 243 -3.37 -0.54 42.00
N PRO B 244 -4.61 -1.07 42.14
CA PRO B 244 -5.32 -0.93 43.42
C PRO B 244 -4.57 -1.54 44.62
N GLU B 245 -3.77 -2.57 44.37
CA GLU B 245 -3.08 -3.27 45.42
C GLU B 245 -1.90 -2.46 45.99
N THR B 246 -0.98 -2.03 45.15
CA THR B 246 0.19 -1.29 45.60
C THR B 246 -0.09 0.21 45.62
N GLY B 247 -1.11 0.65 44.91
CA GLY B 247 -1.33 2.07 44.69
C GLY B 247 -0.34 2.73 43.73
N GLU B 248 0.52 1.92 43.10
CA GLU B 248 1.52 2.41 42.17
C GLU B 248 1.09 2.30 40.70
N PRO B 249 1.48 3.30 39.88
CA PRO B 249 1.31 3.23 38.44
C PRO B 249 2.48 2.52 37.79
N LEU B 250 2.34 2.17 36.52
CA LEU B 250 3.48 1.63 35.79
C LEU B 250 4.39 2.79 35.45
N ASP B 251 5.69 2.59 35.51
CA ASP B 251 6.62 3.61 35.05
C ASP B 251 6.77 3.52 33.53
N ASP B 252 7.38 4.53 32.92
CA ASP B 252 7.41 4.64 31.46
C ASP B 252 8.16 3.49 30.79
N GLU B 253 9.18 2.96 31.44
CA GLU B 253 9.93 1.83 30.90
C GLU B 253 9.07 0.56 30.81
N ASN B 254 8.33 0.26 31.88
CA ASN B 254 7.45 -0.90 31.84
C ASN B 254 6.31 -0.68 30.84
N ILE B 255 5.85 0.57 30.72
CA ILE B 255 4.80 0.89 29.75
C ILE B 255 5.26 0.54 28.33
N ARG B 256 6.51 0.88 28.04
CA ARG B 256 7.10 0.54 26.75
C ARG B 256 7.16 -0.98 26.55
N TYR B 257 7.55 -1.72 27.58
CA TYR B 257 7.57 -3.17 27.46
C TYR B 257 6.18 -3.75 27.22
N GLN B 258 5.15 -3.17 27.83
CA GLN B 258 3.79 -3.64 27.62
C GLN B 258 3.37 -3.38 26.18
N ILE B 259 3.71 -2.21 25.67
CA ILE B 259 3.35 -1.85 24.29
C ILE B 259 3.99 -2.80 23.31
N ILE B 260 5.29 -3.02 23.47
CA ILE B 260 6.00 -3.97 22.62
C ILE B 260 5.35 -5.36 22.70
N THR B 261 5.08 -5.80 23.93
CA THR B 261 4.41 -7.08 24.19
C THR B 261 3.05 -7.19 23.47
N PHE B 262 2.21 -6.16 23.56
CA PHE B 262 0.90 -6.19 22.87
C PHE B 262 1.07 -6.23 21.37
N LEU B 263 2.11 -5.57 20.85
CA LEU B 263 2.33 -5.55 19.40
C LEU B 263 2.77 -6.91 18.90
N ILE B 264 3.59 -7.59 19.68
CA ILE B 264 4.01 -8.92 19.29
C ILE B 264 2.77 -9.83 19.17
N ALA B 265 1.89 -9.82 20.17
CA ALA B 265 0.67 -10.67 20.13
C ALA B 265 -0.28 -10.38 18.96
N GLY B 266 -0.49 -9.12 18.64
CA GLY B 266 -1.35 -8.77 17.51
C GLY B 266 -0.75 -9.40 16.27
N HIS B 267 0.43 -8.90 15.92
CA HIS B 267 1.20 -9.38 14.77
C HIS B 267 1.20 -10.91 14.51
N GLU B 268 1.14 -11.71 15.57
CA GLU B 268 1.51 -13.11 15.46
C GLU B 268 0.33 -14.08 15.60
N THR B 269 -0.33 -14.02 16.76
CA THR B 269 -1.23 -15.10 17.17
C THR B 269 -2.58 -14.96 16.53
N THR B 270 -3.11 -13.74 16.48
CA THR B 270 -4.47 -13.51 15.98
C THR B 270 -4.54 -13.66 14.46
N SER B 271 -3.49 -13.23 13.75
CA SER B 271 -3.50 -13.37 12.28
C SER B 271 -3.45 -14.82 11.88
N GLY B 272 -2.66 -15.60 12.61
CA GLY B 272 -2.60 -17.04 12.46
C GLY B 272 -3.96 -17.70 12.64
N LEU B 273 -4.67 -17.36 13.70
CA LEU B 273 -6.03 -17.87 13.93
C LEU B 273 -6.96 -17.57 12.75
N LEU B 274 -7.01 -16.32 12.31
CA LEU B 274 -7.84 -15.98 11.15
C LEU B 274 -7.43 -16.75 9.88
N SER B 275 -6.12 -16.95 9.72
CA SER B 275 -5.59 -17.63 8.54
C SER B 275 -5.97 -19.09 8.59
N PHE B 276 -5.82 -19.73 9.75
CA PHE B 276 -6.23 -21.12 9.88
C PHE B 276 -7.75 -21.25 9.72
N ALA B 277 -8.50 -20.32 10.28
CA ALA B 277 -9.95 -20.42 10.17
C ALA B 277 -10.37 -20.39 8.71
N LEU B 278 -9.84 -19.46 7.95
CA LEU B 278 -10.20 -19.37 6.54
C LEU B 278 -9.76 -20.63 5.79
N TYR B 279 -8.58 -21.16 6.13
CA TYR B 279 -8.12 -22.44 5.56
C TYR B 279 -9.16 -23.55 5.79
N PHE B 280 -9.57 -23.77 7.04
CA PHE B 280 -10.52 -24.82 7.32
C PHE B 280 -11.85 -24.55 6.63
N LEU B 281 -12.27 -23.29 6.58
CA LEU B 281 -13.51 -22.94 5.87
C LEU B 281 -13.47 -23.35 4.39
N VAL B 282 -12.40 -23.00 3.68
CA VAL B 282 -12.34 -23.37 2.26
C VAL B 282 -12.13 -24.88 2.05
N LYS B 283 -11.62 -25.59 3.05
CA LYS B 283 -11.49 -27.05 2.93
C LYS B 283 -12.77 -27.78 3.33
N ASN B 284 -13.73 -27.06 3.90
CA ASN B 284 -14.93 -27.66 4.45
C ASN B 284 -16.15 -26.83 4.08
N PRO B 285 -16.58 -26.91 2.81
CA PRO B 285 -17.63 -26.08 2.25
C PRO B 285 -18.95 -26.06 3.02
N HIS B 286 -19.34 -27.17 3.64
CA HIS B 286 -20.58 -27.16 4.42
C HIS B 286 -20.44 -26.26 5.66
N VAL B 287 -19.27 -26.29 6.29
CA VAL B 287 -18.98 -25.38 7.41
C VAL B 287 -19.01 -23.93 6.92
N LEU B 288 -18.40 -23.69 5.77
CA LEU B 288 -18.40 -22.36 5.16
C LEU B 288 -19.83 -21.88 4.90
N GLN B 289 -20.68 -22.77 4.38
CA GLN B 289 -22.10 -22.43 4.12
C GLN B 289 -22.78 -21.98 5.40
N LYS B 290 -22.59 -22.75 6.47
CA LYS B 290 -23.22 -22.40 7.74
C LYS B 290 -22.70 -21.08 8.28
N ALA B 291 -21.38 -20.85 8.19
CA ALA B 291 -20.80 -19.60 8.70
C ALA B 291 -21.29 -18.39 7.91
N ALA B 292 -21.31 -18.54 6.58
CA ALA B 292 -21.76 -17.50 5.69
C ALA B 292 -23.26 -17.18 5.88
N GLU B 293 -24.07 -18.20 6.09
CA GLU B 293 -25.51 -18.00 6.32
C GLU B 293 -25.72 -17.19 7.59
N GLU B 294 -24.98 -17.53 8.65
CA GLU B 294 -25.10 -16.80 9.90
C GLU B 294 -24.69 -15.33 9.74
N ALA B 295 -23.56 -15.11 9.09
CA ALA B 295 -23.07 -13.75 8.85
C ALA B 295 -24.12 -12.91 8.10
N ALA B 296 -24.70 -13.50 7.08
CA ALA B 296 -25.71 -12.79 6.27
C ALA B 296 -26.95 -12.49 7.09
N ARG B 297 -27.34 -13.45 7.91
CA ARG B 297 -28.54 -13.36 8.75
C ARG B 297 -28.34 -12.40 9.92
N VAL B 298 -27.11 -12.28 10.42
CA VAL B 298 -26.82 -11.48 11.63
C VAL B 298 -26.30 -10.08 11.33
N LEU B 299 -25.37 -9.96 10.37
CA LEU B 299 -24.77 -8.67 10.08
C LEU B 299 -25.63 -7.92 9.09
N VAL B 300 -26.77 -7.43 9.58
CA VAL B 300 -27.79 -6.80 8.72
C VAL B 300 -27.49 -5.32 8.39
N ASP B 301 -26.43 -4.75 8.95
CA ASP B 301 -26.08 -3.35 8.71
C ASP B 301 -24.72 -3.23 8.05
N PRO B 302 -24.51 -2.16 7.26
CA PRO B 302 -23.22 -2.00 6.60
C PRO B 302 -22.03 -1.90 7.56
N VAL B 303 -22.28 -1.33 8.74
CA VAL B 303 -21.27 -1.23 9.80
C VAL B 303 -21.70 -2.17 10.92
N PRO B 304 -20.96 -3.27 11.17
CA PRO B 304 -21.40 -4.15 12.25
C PRO B 304 -21.34 -3.50 13.63
N SER B 305 -22.29 -3.81 14.48
CA SER B 305 -22.31 -3.34 15.86
C SER B 305 -21.62 -4.36 16.76
N TYR B 306 -21.28 -3.92 17.96
CA TYR B 306 -20.75 -4.81 18.97
C TYR B 306 -21.73 -5.94 19.28
N LYS B 307 -22.99 -5.58 19.40
CA LYS B 307 -24.07 -6.53 19.73
C LYS B 307 -24.23 -7.63 18.65
N GLN B 308 -24.11 -7.23 17.40
CA GLN B 308 -24.16 -8.18 16.28
C GLN B 308 -22.98 -9.15 16.29
N VAL B 309 -21.78 -8.65 16.58
CA VAL B 309 -20.62 -9.53 16.68
C VAL B 309 -20.84 -10.61 17.74
N LYS B 310 -21.35 -10.26 18.92
CA LYS B 310 -21.65 -11.21 19.99
C LYS B 310 -22.67 -12.28 19.60
N GLN B 311 -23.48 -11.98 18.59
CA GLN B 311 -24.51 -12.85 18.09
C GLN B 311 -23.98 -13.92 17.11
N LEU B 312 -22.73 -13.77 16.64
CA LEU B 312 -22.18 -14.70 15.65
C LEU B 312 -21.68 -15.97 16.33
N LYS B 313 -22.61 -16.78 16.82
CA LYS B 313 -22.26 -17.95 17.61
C LYS B 313 -21.46 -18.97 16.77
N TYR B 314 -21.96 -19.28 15.57
CA TYR B 314 -21.30 -20.28 14.74
C TYR B 314 -19.90 -19.84 14.30
N VAL B 315 -19.75 -18.55 13.99
CA VAL B 315 -18.45 -18.02 13.65
C VAL B 315 -17.51 -18.23 14.83
N GLY B 316 -18.00 -18.00 16.04
CA GLY B 316 -17.27 -18.29 17.27
C GLY B 316 -16.85 -19.74 17.39
N MET B 317 -17.76 -20.65 17.05
CA MET B 317 -17.46 -22.07 17.06
C MET B 317 -16.39 -22.45 16.04
N VAL B 318 -16.42 -21.83 14.86
CA VAL B 318 -15.40 -22.04 13.83
C VAL B 318 -14.02 -21.65 14.34
N LEU B 319 -13.94 -20.50 15.00
CA LEU B 319 -12.70 -20.01 15.56
C LEU B 319 -12.16 -20.95 16.65
N ASN B 320 -13.02 -21.45 17.52
CA ASN B 320 -12.56 -22.38 18.54
C ASN B 320 -12.07 -23.69 17.97
N GLU B 321 -12.73 -24.19 16.92
CA GLU B 321 -12.30 -25.44 16.30
C GLU B 321 -10.95 -25.24 15.61
N ALA B 322 -10.71 -24.06 15.03
CA ALA B 322 -9.42 -23.74 14.45
C ALA B 322 -8.35 -23.66 15.52
N LEU B 323 -8.70 -23.07 16.66
CA LEU B 323 -7.84 -23.07 17.83
C LEU B 323 -7.62 -24.45 18.40
N ARG B 324 -8.62 -25.33 18.31
CA ARG B 324 -8.37 -26.70 18.77
C ARG B 324 -7.25 -27.36 17.93
N LEU B 325 -7.36 -27.32 16.61
CA LEU B 325 -6.40 -28.01 15.73
C LEU B 325 -5.06 -27.33 15.65
N TRP B 326 -5.04 -26.02 15.48
CA TRP B 326 -3.77 -25.30 15.36
C TRP B 326 -3.70 -24.08 16.28
N PRO B 327 -3.61 -24.33 17.62
CA PRO B 327 -3.49 -23.23 18.56
C PRO B 327 -2.22 -22.46 18.20
N THR B 328 -2.35 -21.17 17.91
CA THR B 328 -1.25 -20.45 17.25
C THR B 328 -0.09 -20.06 18.15
N ALA B 329 -0.30 -20.05 19.46
CA ALA B 329 0.82 -20.04 20.42
C ALA B 329 0.81 -21.44 21.06
N PRO B 330 1.46 -22.40 20.40
CA PRO B 330 1.16 -23.81 20.61
C PRO B 330 1.71 -24.46 21.88
N ALA B 331 2.52 -23.76 22.67
CA ALA B 331 3.10 -24.37 23.86
C ALA B 331 3.28 -23.35 24.98
N PHE B 332 3.17 -23.79 26.24
CA PHE B 332 3.61 -22.99 27.36
C PHE B 332 4.34 -23.83 28.41
N SER B 333 5.12 -23.14 29.24
CA SER B 333 6.07 -23.80 30.13
C SER B 333 5.68 -23.58 31.59
N LEU B 334 5.87 -24.61 32.41
CA LEU B 334 5.62 -24.54 33.84
C LEU B 334 6.79 -25.06 34.66
N TYR B 335 6.83 -24.68 35.95
CA TYR B 335 7.83 -25.23 36.87
C TYR B 335 7.15 -25.68 38.15
N ALA B 336 7.70 -26.73 38.76
CA ALA B 336 7.14 -27.24 40.00
C ALA B 336 7.55 -26.32 41.15
N LYS B 337 6.56 -25.80 41.88
CA LYS B 337 6.80 -24.89 43.01
C LYS B 337 7.44 -25.63 44.19
N GLU B 338 7.16 -26.93 44.29
CA GLU B 338 7.67 -27.79 45.35
C GLU B 338 7.79 -29.22 44.81
N ASP B 339 8.52 -30.08 45.53
CA ASP B 339 8.53 -31.51 45.23
C ASP B 339 7.09 -32.00 45.08
N THR B 340 6.83 -32.81 44.07
CA THR B 340 5.46 -33.30 43.84
C THR B 340 5.48 -34.49 42.88
N VAL B 341 4.44 -35.29 42.91
CA VAL B 341 4.36 -36.46 42.04
C VAL B 341 3.27 -36.18 41.03
N LEU B 342 3.62 -36.29 39.76
CA LEU B 342 2.65 -36.04 38.70
C LEU B 342 1.96 -37.35 38.28
N GLY B 343 0.62 -37.35 38.27
CA GLY B 343 -0.17 -38.47 37.77
C GLY B 343 0.01 -39.77 38.55
N GLY B 344 0.41 -39.69 39.81
CA GLY B 344 0.73 -40.88 40.60
C GLY B 344 1.98 -41.65 40.20
N GLU B 345 2.70 -41.20 39.19
CA GLU B 345 3.77 -42.00 38.60
C GLU B 345 5.09 -41.27 38.47
N TYR B 346 5.04 -39.98 38.18
CA TYR B 346 6.23 -39.25 37.77
C TYR B 346 6.63 -38.26 38.87
N PRO B 347 7.66 -38.63 39.66
CA PRO B 347 8.05 -37.73 40.73
C PRO B 347 8.84 -36.54 40.19
N LEU B 348 8.49 -35.35 40.64
CA LEU B 348 9.17 -34.13 40.26
C LEU B 348 9.80 -33.41 41.45
N GLU B 349 11.00 -32.87 41.25
CA GLU B 349 11.65 -32.02 42.21
C GLU B 349 11.28 -30.55 42.00
N LYS B 350 11.32 -29.78 43.08
CA LYS B 350 11.14 -28.34 43.01
C LYS B 350 12.00 -27.73 41.91
N GLY B 351 11.39 -26.94 41.03
CA GLY B 351 12.11 -26.32 39.94
C GLY B 351 12.05 -27.10 38.64
N ASP B 352 11.66 -28.38 38.68
CA ASP B 352 11.52 -29.18 37.47
C ASP B 352 10.53 -28.53 36.48
N GLU B 353 10.91 -28.53 35.20
CA GLU B 353 10.11 -27.86 34.17
C GLU B 353 9.21 -28.82 33.40
N LEU B 354 8.02 -28.33 33.05
CA LEU B 354 7.05 -29.03 32.21
C LEU B 354 6.73 -28.16 30.98
N MET B 355 6.50 -28.80 29.82
CA MET B 355 6.02 -28.13 28.62
C MET B 355 4.66 -28.71 28.27
N VAL B 356 3.67 -27.85 28.10
CA VAL B 356 2.35 -28.25 27.64
C VAL B 356 2.29 -28.10 26.12
N LEU B 357 2.16 -29.23 25.45
CA LEU B 357 2.00 -29.26 23.99
C LEU B 357 0.54 -29.12 23.63
N ILE B 358 0.09 -27.89 23.39
CA ILE B 358 -1.33 -27.62 23.25
C ILE B 358 -1.97 -28.40 22.07
N PRO B 359 -1.32 -28.46 20.90
CA PRO B 359 -1.96 -29.18 19.80
C PRO B 359 -2.23 -30.64 20.11
N GLN B 360 -1.37 -31.25 20.93
CA GLN B 360 -1.55 -32.64 21.32
C GLN B 360 -2.66 -32.81 22.37
N LEU B 361 -2.68 -31.94 23.37
CA LEU B 361 -3.79 -31.87 24.32
C LEU B 361 -5.11 -31.87 23.54
N HIS B 362 -5.12 -31.05 22.50
CA HIS B 362 -6.30 -30.86 21.68
C HIS B 362 -6.65 -32.03 20.77
N ARG B 363 -5.77 -33.03 20.70
CA ARG B 363 -5.99 -34.23 19.93
C ARG B 363 -6.10 -35.44 20.85
N ASP B 364 -6.34 -35.21 22.15
CA ASP B 364 -6.49 -36.28 23.15
C ASP B 364 -7.78 -37.09 22.89
N LYS B 365 -7.60 -38.29 22.36
CA LYS B 365 -8.71 -39.13 21.92
C LYS B 365 -9.65 -39.52 23.05
N THR B 366 -9.11 -39.61 24.27
CA THR B 366 -9.93 -39.93 25.42
C THR B 366 -10.91 -38.79 25.76
N ILE B 367 -10.62 -37.57 25.31
CA ILE B 367 -11.51 -36.43 25.53
C ILE B 367 -12.36 -36.16 24.30
N TRP B 368 -11.74 -36.15 23.13
CA TRP B 368 -12.40 -35.65 21.94
C TRP B 368 -13.02 -36.74 21.05
N GLY B 369 -12.60 -38.00 21.19
CA GLY B 369 -13.09 -39.07 20.30
C GLY B 369 -11.99 -39.42 19.31
N ASP B 370 -12.24 -40.37 18.41
CA ASP B 370 -11.15 -40.84 17.54
C ASP B 370 -10.92 -39.98 16.31
N ASP B 371 -11.90 -39.14 15.97
CA ASP B 371 -11.88 -38.32 14.75
C ASP B 371 -11.19 -36.97 14.97
N VAL B 372 -10.10 -36.95 15.73
CA VAL B 372 -9.52 -35.68 16.20
C VAL B 372 -8.96 -34.78 15.12
N GLU B 373 -8.69 -35.33 13.93
CA GLU B 373 -8.17 -34.53 12.83
C GLU B 373 -9.26 -33.83 12.03
N GLU B 374 -10.52 -34.23 12.19
CA GLU B 374 -11.61 -33.61 11.44
C GLU B 374 -11.97 -32.22 11.97
N PHE B 375 -12.36 -31.32 11.06
CA PHE B 375 -12.77 -29.97 11.44
C PHE B 375 -14.27 -29.94 11.68
N ARG B 376 -14.67 -29.90 12.95
CA ARG B 376 -16.08 -29.94 13.31
C ARG B 376 -16.38 -28.88 14.36
N PRO B 377 -16.83 -27.69 13.92
CA PRO B 377 -17.15 -26.66 14.89
C PRO B 377 -18.22 -27.06 15.93
N GLU B 378 -19.02 -28.08 15.62
CA GLU B 378 -20.13 -28.47 16.49
C GLU B 378 -19.61 -29.05 17.83
N ARG B 379 -18.34 -29.45 17.87
CA ARG B 379 -17.67 -29.73 19.13
C ARG B 379 -17.85 -28.60 20.15
N PHE B 380 -18.00 -27.37 19.67
CA PHE B 380 -18.07 -26.21 20.54
C PHE B 380 -19.46 -25.56 20.62
N GLU B 381 -20.51 -26.25 20.21
CA GLU B 381 -21.85 -25.69 20.27
C GLU B 381 -22.24 -25.37 21.73
N ASN B 382 -21.74 -26.18 22.67
CA ASN B 382 -21.91 -25.91 24.09
C ASN B 382 -20.60 -25.90 24.88
N PRO B 383 -20.14 -24.71 25.33
CA PRO B 383 -18.87 -24.64 26.07
C PRO B 383 -18.83 -25.57 27.29
N SER B 384 -19.97 -25.73 27.97
CA SER B 384 -20.03 -26.53 29.19
C SER B 384 -19.72 -28.00 28.99
N ALA B 385 -19.90 -28.50 27.78
CA ALA B 385 -19.62 -29.90 27.49
C ALA B 385 -18.12 -30.25 27.44
N ILE B 386 -17.27 -29.23 27.38
CA ILE B 386 -15.83 -29.43 27.28
C ILE B 386 -15.27 -29.66 28.68
N PRO B 387 -14.62 -30.81 28.92
CA PRO B 387 -14.06 -31.04 30.25
C PRO B 387 -13.07 -29.97 30.68
N GLN B 388 -12.91 -29.82 32.00
CA GLN B 388 -11.93 -28.88 32.56
C GLN B 388 -10.54 -29.17 32.01
N HIS B 389 -9.83 -28.10 31.66
CA HIS B 389 -8.45 -28.17 31.15
C HIS B 389 -8.21 -29.03 29.90
N ALA B 390 -9.26 -29.33 29.16
CA ALA B 390 -9.11 -30.04 27.88
C ALA B 390 -8.83 -29.08 26.71
N PHE B 391 -9.20 -27.81 26.86
CA PHE B 391 -9.11 -26.82 25.76
C PHE B 391 -8.39 -25.58 26.30
N LYS B 392 -7.15 -25.39 25.89
CA LYS B 392 -6.31 -24.35 26.45
C LYS B 392 -5.52 -23.54 25.41
N PRO B 393 -6.18 -23.02 24.36
CA PRO B 393 -5.44 -22.20 23.39
C PRO B 393 -4.94 -20.88 23.98
N PHE B 394 -5.52 -20.45 25.11
CA PHE B 394 -5.14 -19.19 25.75
C PHE B 394 -4.39 -19.34 27.07
N GLY B 395 -3.84 -20.53 27.29
CA GLY B 395 -3.03 -20.78 28.46
C GLY B 395 -3.89 -21.03 29.67
N ASN B 396 -3.30 -20.76 30.84
CA ASN B 396 -3.87 -21.25 32.08
C ASN B 396 -3.82 -20.28 33.21
N GLY B 397 -4.95 -20.20 33.92
CA GLY B 397 -5.04 -19.58 35.22
C GLY B 397 -4.74 -18.10 35.17
N GLN B 398 -4.12 -17.60 36.23
CA GLN B 398 -3.82 -16.16 36.31
C GLN B 398 -2.80 -15.72 35.24
N ARG B 399 -2.06 -16.66 34.66
CA ARG B 399 -1.09 -16.37 33.58
C ARG B 399 -1.67 -16.68 32.18
N ALA B 400 -3.00 -16.81 32.09
CA ALA B 400 -3.64 -17.03 30.80
C ALA B 400 -3.57 -15.74 29.99
N CYS B 401 -3.83 -15.86 28.69
CA CYS B 401 -3.84 -14.71 27.79
C CYS B 401 -4.75 -13.58 28.28
N ILE B 402 -4.17 -12.42 28.56
CA ILE B 402 -4.98 -11.25 28.90
C ILE B 402 -5.79 -10.73 27.70
N GLY B 403 -5.29 -11.01 26.49
CA GLY B 403 -5.91 -10.51 25.27
C GLY B 403 -6.97 -11.39 24.64
N GLN B 404 -7.45 -12.42 25.35
CA GLN B 404 -8.34 -13.42 24.76
C GLN B 404 -9.62 -12.78 24.20
N GLN B 405 -10.25 -11.91 24.97
CA GLN B 405 -11.50 -11.27 24.54
C GLN B 405 -11.29 -10.35 23.34
N PHE B 406 -10.20 -9.60 23.37
CA PHE B 406 -9.78 -8.74 22.25
C PHE B 406 -9.58 -9.58 20.98
N ALA B 407 -8.77 -10.61 21.09
CA ALA B 407 -8.48 -11.46 19.92
C ALA B 407 -9.76 -12.09 19.37
N LEU B 408 -10.60 -12.63 20.24
CA LEU B 408 -11.84 -13.29 19.79
C LEU B 408 -12.87 -12.30 19.24
N HIS B 409 -12.90 -11.09 19.78
CA HIS B 409 -13.80 -10.10 19.24
C HIS B 409 -13.36 -9.66 17.84
N GLU B 410 -12.08 -9.32 17.72
CA GLU B 410 -11.52 -8.95 16.44
C GLU B 410 -11.73 -10.06 15.41
N ALA B 411 -11.41 -11.29 15.77
CA ALA B 411 -11.47 -12.38 14.82
C ALA B 411 -12.90 -12.69 14.38
N THR B 412 -13.84 -12.63 15.32
CA THR B 412 -15.26 -12.87 15.00
C THR B 412 -15.81 -11.79 14.09
N LEU B 413 -15.52 -10.53 14.41
CA LEU B 413 -15.91 -9.38 13.59
C LEU B 413 -15.39 -9.52 12.18
N VAL B 414 -14.09 -9.80 12.07
CA VAL B 414 -13.43 -9.77 10.78
C VAL B 414 -13.86 -10.96 9.91
N LEU B 415 -13.90 -12.15 10.52
CA LEU B 415 -14.36 -13.34 9.81
C LEU B 415 -15.83 -13.18 9.41
N GLY B 416 -16.63 -12.62 10.30
CA GLY B 416 -18.03 -12.33 9.99
C GLY B 416 -18.13 -11.46 8.75
N MET B 417 -17.38 -10.35 8.74
CA MET B 417 -17.44 -9.44 7.60
C MET B 417 -16.95 -10.12 6.31
N MET B 418 -15.91 -10.95 6.42
CA MET B 418 -15.36 -11.63 5.23
C MET B 418 -16.40 -12.53 4.60
N LEU B 419 -17.09 -13.29 5.45
CA LEU B 419 -18.10 -14.22 5.00
C LEU B 419 -19.37 -13.49 4.53
N LYS B 420 -19.64 -12.31 5.07
CA LYS B 420 -20.78 -11.50 4.61
C LYS B 420 -20.52 -11.03 3.18
N HIS B 421 -19.31 -10.56 2.93
CA HIS B 421 -19.00 -9.83 1.73
C HIS B 421 -18.46 -10.61 0.53
N PHE B 422 -17.88 -11.80 0.76
CA PHE B 422 -17.21 -12.56 -0.30
C PHE B 422 -17.56 -14.02 -0.29
N ASP B 423 -17.60 -14.60 -1.49
CA ASP B 423 -17.44 -16.04 -1.68
C ASP B 423 -15.95 -16.32 -1.87
N PHE B 424 -15.48 -17.45 -1.34
CA PHE B 424 -14.05 -17.77 -1.34
C PHE B 424 -13.75 -19.00 -2.16
N GLU B 425 -12.62 -19.01 -2.88
CA GLU B 425 -12.21 -20.15 -3.68
C GLU B 425 -10.76 -20.55 -3.37
N ASP B 426 -10.57 -21.83 -3.07
CA ASP B 426 -9.28 -22.47 -2.85
C ASP B 426 -8.73 -22.81 -4.23
N HIS B 427 -8.34 -21.78 -4.99
CA HIS B 427 -8.06 -21.92 -6.42
C HIS B 427 -6.82 -22.75 -6.71
N THR B 428 -5.92 -22.89 -5.75
CA THR B 428 -4.71 -23.70 -5.94
C THR B 428 -4.81 -25.09 -5.32
N ASN B 429 -5.92 -25.41 -4.65
CA ASN B 429 -6.02 -26.62 -3.82
C ASN B 429 -4.82 -26.67 -2.88
N TYR B 430 -4.72 -25.61 -2.07
CA TYR B 430 -3.57 -25.35 -1.23
C TYR B 430 -3.27 -26.51 -0.32
N GLU B 431 -2.00 -26.89 -0.27
CA GLU B 431 -1.53 -27.93 0.64
C GLU B 431 -1.02 -27.27 1.91
N LEU B 432 -1.59 -27.64 3.05
CA LEU B 432 -1.24 -26.99 4.32
C LEU B 432 0.27 -27.10 4.56
N ASP B 433 0.91 -25.97 4.77
CA ASP B 433 2.34 -25.91 5.09
C ASP B 433 2.47 -24.86 6.21
N ILE B 434 2.81 -25.32 7.41
CA ILE B 434 2.76 -24.48 8.60
C ILE B 434 4.15 -23.96 8.95
N LYS B 435 4.32 -22.64 8.82
CA LYS B 435 5.56 -21.98 9.20
C LYS B 435 5.55 -21.69 10.70
N GLU B 436 6.68 -21.94 11.36
CA GLU B 436 6.83 -21.69 12.79
C GLU B 436 7.80 -20.54 13.06
N THR B 437 7.35 -19.53 13.79
CA THR B 437 8.17 -18.40 14.19
C THR B 437 7.89 -18.17 15.65
N LEU B 438 7.94 -19.23 16.44
CA LEU B 438 7.40 -19.16 17.78
C LEU B 438 5.85 -18.93 17.84
N THR B 439 5.19 -18.61 16.71
CA THR B 439 3.76 -18.92 16.54
C THR B 439 3.63 -19.70 15.24
N LEU B 440 2.41 -20.18 14.95
CA LEU B 440 2.12 -20.99 13.77
C LEU B 440 1.26 -20.20 12.77
N LYS B 441 1.55 -20.37 11.48
CA LYS B 441 0.73 -19.79 10.41
C LYS B 441 0.82 -20.68 9.18
N PRO B 442 -0.22 -20.68 8.34
CA PRO B 442 -0.19 -21.46 7.12
C PRO B 442 0.52 -20.75 5.97
N GLU B 443 1.80 -21.04 5.77
CA GLU B 443 2.61 -20.31 4.79
C GLU B 443 2.14 -20.55 3.37
N GLY B 444 2.04 -19.47 2.61
CA GLY B 444 1.66 -19.54 1.20
C GLY B 444 0.17 -19.79 0.98
N PHE B 445 -0.64 -19.71 2.05
CA PHE B 445 -2.08 -19.89 1.89
C PHE B 445 -2.64 -18.72 1.07
N VAL B 446 -3.24 -19.05 -0.08
CA VAL B 446 -3.81 -18.07 -1.00
C VAL B 446 -5.22 -18.50 -1.39
N VAL B 447 -6.08 -17.52 -1.65
CA VAL B 447 -7.44 -17.77 -2.10
C VAL B 447 -7.86 -16.68 -3.09
N LYS B 448 -8.97 -16.91 -3.79
CA LYS B 448 -9.63 -15.87 -4.54
C LYS B 448 -10.94 -15.57 -3.86
N ALA B 449 -11.33 -14.30 -3.88
CA ALA B 449 -12.57 -13.85 -3.26
C ALA B 449 -13.44 -13.21 -4.33
N LYS B 450 -14.66 -13.70 -4.49
CA LYS B 450 -15.63 -13.09 -5.41
C LYS B 450 -16.59 -12.28 -4.58
N SER B 451 -16.69 -10.99 -4.90
CA SER B 451 -17.51 -10.11 -4.09
C SER B 451 -18.99 -10.47 -4.22
N LYS B 452 -19.72 -10.39 -3.12
CA LYS B 452 -21.17 -10.47 -3.17
C LYS B 452 -21.81 -9.08 -3.43
N LYS B 453 -20.98 -8.06 -3.65
CA LYS B 453 -21.44 -6.70 -3.97
C LYS B 453 -22.42 -6.14 -2.95
N ILE B 454 -22.11 -6.36 -1.68
CA ILE B 454 -22.90 -5.78 -0.59
C ILE B 454 -22.17 -4.52 -0.11
N PRO B 455 -22.83 -3.35 -0.19
CA PRO B 455 -22.19 -2.08 0.20
C PRO B 455 -21.74 -2.01 1.65
N LEU B 456 -20.66 -1.25 1.88
CA LEU B 456 -20.13 -0.93 3.22
C LEU B 456 -20.68 0.39 3.77
CHA HEM C . -1.46 15.23 -26.64
CHB HEM C . -0.30 17.90 -22.77
CHC HEM C . -3.09 15.06 -19.98
CHD HEM C . -3.94 12.20 -23.80
C1A HEM C . -0.93 16.20 -25.83
C2A HEM C . -0.05 17.24 -26.25
C3A HEM C . 0.26 17.97 -25.15
C4A HEM C . -0.40 17.40 -24.06
CMA HEM C . 1.15 19.19 -25.07
CAA HEM C . 0.44 17.53 -27.66
CBA HEM C . 1.73 16.74 -27.96
CGA HEM C . 2.31 17.02 -29.34
O1A HEM C . 3.29 16.29 -29.71
O2A HEM C . 1.85 17.94 -30.08
C1B HEM C . -0.97 17.36 -21.66
C2B HEM C . -0.90 17.91 -20.34
C3B HEM C . -1.68 17.12 -19.55
C4B HEM C . -2.22 16.07 -20.43
CMB HEM C . -0.12 19.14 -19.89
CAB HEM C . -2.04 17.21 -18.12
CBB HEM C . -1.81 18.27 -17.35
C1C HEM C . -3.59 14.04 -20.76
C2C HEM C . -4.43 13.01 -20.32
C3C HEM C . -4.67 12.18 -21.41
C4C HEM C . -3.96 12.72 -22.52
CMC HEM C . -4.96 12.87 -18.90
CAC HEM C . -5.50 10.97 -21.54
CBC HEM C . -6.22 10.45 -20.57
C1D HEM C . -3.31 12.83 -24.86
C2D HEM C . -3.37 12.28 -26.23
C3D HEM C . -2.70 13.12 -27.01
C4D HEM C . -2.22 14.18 -26.12
CMD HEM C . -4.05 11.01 -26.69
CAD HEM C . -2.51 12.98 -28.50
CBD HEM C . -3.70 13.65 -29.21
CGD HEM C . -3.66 13.58 -30.74
O1D HEM C . -2.67 13.96 -31.40
O2D HEM C . -4.65 13.14 -31.38
NA HEM C . -1.13 16.32 -24.47
NB HEM C . -1.77 16.30 -21.67
NC HEM C . -3.34 13.85 -22.09
ND HEM C . -2.63 13.99 -24.84
FE HEM C . -2.24 15.11 -23.32
FBQ W10 D . 7.06 13.02 -21.78
CAZ W10 D . 6.25 12.17 -22.41
FBR W10 D . 5.61 11.41 -21.53
FBS W10 D . 6.99 11.36 -23.18
CAY W10 D . 5.22 12.90 -23.28
FBO W10 D . 4.04 12.95 -22.65
FBP W10 D . 5.06 12.13 -24.35
CAX W10 D . 5.59 14.37 -23.71
FBA W10 D . 5.84 15.09 -22.63
FBB W10 D . 4.55 14.94 -24.32
CAW W10 D . 6.80 14.45 -24.70
FBC W10 D . 6.34 14.64 -25.93
FBD W10 D . 7.51 13.33 -24.68
CAV W10 D . 7.72 15.66 -24.36
FBE W10 D . 8.24 15.51 -23.15
FBF W10 D . 6.99 16.78 -24.38
CAU W10 D . 8.86 15.77 -25.41
FBG W10 D . 8.35 16.25 -26.55
FBH W10 D . 9.36 14.57 -25.68
CAT W10 D . 10.03 16.68 -24.93
FBI W10 D . 10.65 16.12 -23.89
FBJ W10 D . 9.54 17.85 -24.52
CAS W10 D . 11.07 16.85 -26.07
FBK W10 D . 10.49 17.31 -27.16
FBL W10 D . 11.60 15.65 -26.33
CAR W10 D . 12.27 17.77 -25.73
FBM W10 D . 13.10 17.18 -24.86
FBN W10 D . 11.82 18.92 -25.22
CAP W10 D . 13.05 18.08 -27.04
OAQ W10 D . 13.45 19.21 -27.31
N W10 D . 13.22 17.01 -27.85
CA W10 D . 13.99 17.06 -29.09
C W10 D . 13.65 15.80 -29.92
O W10 D . 13.65 15.87 -31.16
OXT W10 D . 13.37 14.77 -29.26
CB W10 D . 15.42 17.05 -28.56
CG W10 D . 16.38 16.50 -29.63
CD2 W10 D . 16.83 17.16 -30.68
CE3 W10 D . 16.60 18.39 -31.15
CZ3 W10 D . 17.23 18.81 -32.32
CH2 W10 D . 18.08 17.94 -32.99
CZ2 W10 D . 18.28 16.67 -32.46
CE2 W10 D . 17.66 16.32 -31.33
NE1 W10 D . 17.69 15.17 -30.65
CD1 W10 D . 16.91 15.29 -29.58
CHA HEM E . -0.49 -14.86 27.15
CHB HEM E . -2.33 -17.19 23.34
CHC HEM E . -3.85 -12.99 21.49
CHD HEM E . -1.59 -10.63 25.04
C1A HEM E . -0.89 -15.86 26.30
C2A HEM E . -0.65 -17.26 26.48
C3A HEM E . -1.18 -17.90 25.40
C4A HEM E . -1.71 -16.90 24.54
CMA HEM E . -1.19 -19.37 25.11
CAA HEM E . 0.03 -17.95 27.67
CBA HEM E . 1.54 -17.95 27.47
CGA HEM E . 2.33 -18.68 28.55
O1A HEM E . 1.77 -19.39 29.44
O2A HEM E . 3.58 -18.58 28.51
C1B HEM E . -2.93 -16.24 22.50
C2B HEM E . -3.64 -16.57 21.30
C3B HEM E . -4.05 -15.39 20.75
C4B HEM E . -3.59 -14.34 21.67
CMB HEM E . -3.86 -17.95 20.74
CAB HEM E . -4.87 -15.08 19.57
CBB HEM E . -5.57 -15.98 18.91
C1C HEM E . -3.39 -11.97 22.28
C2C HEM E . -3.58 -10.60 22.03
C3C HEM E . -2.91 -9.91 23.05
C4C HEM E . -2.34 -10.89 23.91
CMC HEM E . -4.37 -10.01 20.87
CAC HEM E . -2.82 -8.46 23.32
CBC HEM E . -3.44 -7.50 22.65
C1D HEM E . -1.12 -11.64 25.88
C2D HEM E . -0.42 -11.31 27.13
C3D HEM E . -0.12 -12.47 27.73
C4D HEM E . -0.64 -13.52 26.82
CMD HEM E . -0.06 -9.95 27.67
CAD HEM E . 0.61 -12.61 29.05
CBD HEM E . -0.44 -12.62 30.17
CGD HEM E . 0.17 -12.68 31.55
O1D HEM E . -0.10 -11.84 32.45
O2D HEM E . 0.97 -13.59 31.84
NA HEM E . -1.51 -15.67 25.08
NB HEM E . -2.95 -14.92 22.67
NC HEM E . -2.64 -12.12 23.40
ND HEM E . -1.25 -12.97 25.73
FE HEM E . -2.08 -13.91 24.27
FBQ W10 F . 7.12 -15.83 20.57
CAZ W10 F . 5.79 -15.85 20.41
FBR W10 F . 5.51 -16.65 19.40
FBS W10 F . 5.39 -14.62 20.09
CAY W10 F . 5.12 -16.26 21.74
FBO W10 F . 4.14 -15.38 21.99
FBP W10 F . 6.06 -16.12 22.66
CAX W10 F . 4.52 -17.70 21.87
FBA W10 F . 4.03 -18.13 20.71
FBB W10 F . 3.50 -17.66 22.72
CAW W10 F . 5.57 -18.70 22.45
FBC W10 F . 5.47 -18.71 23.79
FBD W10 F . 6.81 -18.32 22.15
CAV W10 F . 5.36 -20.16 21.95
FBE W10 F . 5.14 -20.15 20.65
FBF W10 F . 4.27 -20.66 22.55
CAU W10 F . 6.60 -21.03 22.27
FBG W10 F . 6.47 -21.43 23.54
FBH W10 F . 7.73 -20.32 22.17
CAT W10 F . 6.70 -22.25 21.28
FBI W10 F . 6.90 -21.75 20.07
FBJ W10 F . 5.50 -22.84 21.26
CAS W10 F . 7.80 -23.36 21.49
FBK W10 F . 8.63 -23.36 20.44
FBL W10 F . 7.23 -24.56 21.51
CAR W10 F . 8.66 -23.20 22.77
FBM W10 F . 7.90 -23.05 23.84
FBN W10 F . 9.44 -22.12 22.63
CAP W10 F . 9.58 -24.41 23.08
OAQ W10 F . 9.49 -25.52 22.55
N W10 F . 10.45 -24.08 24.06
CA W10 F . 11.49 -24.90 24.68
C W10 F . 12.36 -23.87 25.39
O W10 F . 12.58 -22.81 24.75
OXT W10 F . 12.73 -24.11 26.57
CB W10 F . 12.33 -25.69 23.68
CG W10 F . 13.40 -26.39 24.54
CD2 W10 F . 14.71 -26.13 24.59
CE3 W10 F . 15.49 -25.24 23.96
CZ3 W10 F . 16.85 -25.19 24.22
CH2 W10 F . 17.40 -26.07 25.14
CZ2 W10 F . 16.55 -26.98 25.76
CE2 W10 F . 15.25 -26.99 25.48
NE1 W10 F . 14.27 -27.76 25.96
CD1 W10 F . 13.13 -27.39 25.37
#